data_1M8T
#
_entry.id   1M8T
#
_cell.length_a   98.06
_cell.length_b   98.06
_cell.length_c   132.39
_cell.angle_alpha   90.00
_cell.angle_beta   90.00
_cell.angle_gamma   120.00
#
_symmetry.space_group_name_H-M   'P 63'
#
loop_
_entity.id
_entity.type
_entity.pdbx_description
1 polymer 'Phospholipase a2'
2 non-polymer 'CALCIUM ION'
3 non-polymer HEXANE-1,6-DIOL
4 water water
#
_entity_poly.entity_id   1
_entity_poly.type   'polypeptide(L)'
_entity_poly.pdbx_seq_one_letter_code
;HLVQFNGMIRCTIPGSIPWWDYSDYGCYCGSGGSGTPVDELDRCCQVHDNCYTQAQQLTECSPYSKRYSYDCSEGTLTCK
ADNDECAAFVCDCDRVAAICFAGAPYNKENINIDTTTRC
;
_entity_poly.pdbx_strand_id   A,B,C,D,E,F
#
# COMPACT_ATOMS: atom_id res chain seq x y z
N HIS A 1 -33.59 -19.59 -37.06
CA HIS A 1 -34.67 -20.19 -36.23
C HIS A 1 -35.10 -19.23 -35.13
N LEU A 2 -36.41 -19.10 -34.93
CA LEU A 2 -36.95 -18.22 -33.89
C LEU A 2 -36.26 -18.31 -32.54
N VAL A 3 -35.83 -19.52 -32.17
CA VAL A 3 -35.15 -19.72 -30.89
C VAL A 3 -33.78 -19.01 -30.90
N GLN A 4 -33.12 -19.01 -32.06
CA GLN A 4 -31.83 -18.34 -32.22
C GLN A 4 -32.05 -16.84 -32.32
N PHE A 5 -33.22 -16.43 -32.84
CA PHE A 5 -33.55 -15.02 -32.93
C PHE A 5 -33.68 -14.52 -31.49
N ASN A 6 -34.29 -15.34 -30.64
CA ASN A 6 -34.47 -15.04 -29.23
C ASN A 6 -33.08 -14.84 -28.63
N GLY A 7 -32.18 -15.76 -28.99
CA GLY A 7 -30.81 -15.68 -28.50
C GLY A 7 -30.10 -14.41 -28.95
N MET A 8 -30.45 -13.92 -30.14
CA MET A 8 -29.83 -12.70 -30.66
C MET A 8 -30.34 -11.48 -29.90
N ILE A 9 -31.63 -11.46 -29.60
CA ILE A 9 -32.23 -10.35 -28.86
C ILE A 9 -31.71 -10.28 -27.43
N ARG A 10 -31.36 -11.44 -26.87
CA ARG A 10 -30.81 -11.49 -25.52
C ARG A 10 -29.41 -10.89 -25.56
N CYS A 11 -28.74 -11.07 -26.69
CA CYS A 11 -27.39 -10.57 -26.90
C CYS A 11 -27.34 -9.03 -26.85
N THR A 12 -28.33 -8.39 -27.48
CA THR A 12 -28.40 -6.93 -27.52
C THR A 12 -29.20 -6.31 -26.37
N ILE A 13 -30.14 -7.07 -25.83
CA ILE A 13 -30.96 -6.60 -24.71
C ILE A 13 -30.94 -7.73 -23.68
N PRO A 14 -29.81 -7.86 -22.94
CA PRO A 14 -29.64 -8.90 -21.91
C PRO A 14 -30.78 -9.11 -20.90
N GLY A 15 -31.48 -8.04 -20.52
CA GLY A 15 -32.58 -8.17 -19.57
C GLY A 15 -33.89 -8.59 -20.23
N SER A 16 -33.84 -8.82 -21.55
CA SER A 16 -35.03 -9.20 -22.30
C SER A 16 -35.37 -10.68 -22.24
N ILE A 17 -36.66 -10.95 -22.27
CA ILE A 17 -37.23 -12.28 -22.30
C ILE A 17 -37.99 -12.12 -23.61
N PRO A 18 -37.25 -12.13 -24.74
CA PRO A 18 -37.72 -11.97 -26.13
C PRO A 18 -39.05 -12.61 -26.55
N TRP A 19 -39.17 -13.95 -26.48
CA TRP A 19 -40.41 -14.63 -26.89
C TRP A 19 -41.64 -14.07 -26.16
N TRP A 20 -41.41 -13.33 -25.07
CA TRP A 20 -42.49 -12.73 -24.30
C TRP A 20 -42.58 -11.22 -24.52
N ASP A 21 -41.44 -10.56 -24.38
CA ASP A 21 -41.33 -9.12 -24.53
C ASP A 21 -41.63 -8.57 -25.92
N TYR A 22 -41.40 -9.35 -26.97
CA TYR A 22 -41.64 -8.86 -28.33
C TYR A 22 -42.58 -9.69 -29.21
N SER A 23 -43.26 -10.67 -28.61
CA SER A 23 -44.18 -11.53 -29.35
C SER A 23 -45.55 -10.93 -29.65
N ASP A 24 -45.89 -9.83 -28.97
CA ASP A 24 -47.17 -9.16 -29.21
C ASP A 24 -46.95 -7.67 -28.95
N TYR A 25 -46.36 -7.00 -29.93
CA TYR A 25 -46.05 -5.59 -29.81
C TYR A 25 -46.35 -4.87 -31.11
N GLY A 26 -47.02 -3.74 -31.01
CA GLY A 26 -47.35 -2.98 -32.19
C GLY A 26 -48.16 -3.72 -33.25
N CYS A 27 -47.95 -3.31 -34.49
CA CYS A 27 -48.65 -3.87 -35.63
C CYS A 27 -47.90 -4.98 -36.35
N TYR A 28 -46.60 -5.04 -36.13
CA TYR A 28 -45.78 -6.04 -36.78
C TYR A 28 -45.07 -7.01 -35.86
N CYS A 29 -44.71 -6.56 -34.67
CA CYS A 29 -44.04 -7.44 -33.71
C CYS A 29 -45.02 -8.54 -33.27
N GLY A 30 -44.77 -9.76 -33.73
CA GLY A 30 -45.64 -10.87 -33.40
C GLY A 30 -46.17 -11.48 -34.67
N SER A 31 -46.95 -12.54 -34.51
CA SER A 31 -47.53 -13.25 -35.65
C SER A 31 -48.20 -12.26 -36.61
N GLY A 32 -47.84 -12.34 -37.88
CA GLY A 32 -48.39 -11.47 -38.88
C GLY A 32 -47.93 -10.03 -38.74
N GLY A 33 -48.51 -9.16 -39.55
CA GLY A 33 -48.17 -7.76 -39.50
C GLY A 33 -48.91 -7.01 -40.59
N SER A 34 -49.37 -5.80 -40.28
CA SER A 34 -50.09 -4.99 -41.27
C SER A 34 -50.14 -3.54 -40.83
N GLY A 35 -50.58 -2.68 -41.74
CA GLY A 35 -50.70 -1.27 -41.44
C GLY A 35 -49.39 -0.49 -41.31
N THR A 36 -49.49 0.65 -40.65
CA THR A 36 -48.35 1.51 -40.45
C THR A 36 -47.74 1.17 -39.10
N PRO A 37 -46.41 1.06 -39.03
CA PRO A 37 -45.78 0.73 -37.74
C PRO A 37 -46.19 1.74 -36.65
N VAL A 38 -46.43 1.26 -35.44
CA VAL A 38 -46.84 2.16 -34.37
C VAL A 38 -45.75 3.01 -33.80
N ASP A 39 -44.52 2.50 -33.86
CA ASP A 39 -43.36 3.22 -33.36
C ASP A 39 -42.05 2.68 -33.93
N GLU A 40 -40.95 3.09 -33.31
CA GLU A 40 -39.61 2.68 -33.72
C GLU A 40 -39.44 1.16 -33.64
N LEU A 41 -39.76 0.57 -32.50
CA LEU A 41 -39.64 -0.88 -32.32
C LEU A 41 -40.50 -1.63 -33.33
N ASP A 42 -41.77 -1.24 -33.43
CA ASP A 42 -42.71 -1.87 -34.35
C ASP A 42 -42.20 -1.75 -35.79
N ARG A 43 -41.37 -0.72 -36.02
CA ARG A 43 -40.77 -0.44 -37.32
C ARG A 43 -39.68 -1.50 -37.61
N CYS A 44 -38.98 -1.93 -36.56
CA CYS A 44 -37.94 -2.94 -36.66
C CYS A 44 -38.59 -4.25 -37.08
N CYS A 45 -39.77 -4.51 -36.53
CA CYS A 45 -40.52 -5.73 -36.84
C CYS A 45 -41.08 -5.76 -38.24
N GLN A 46 -41.46 -4.59 -38.76
CA GLN A 46 -41.97 -4.51 -40.13
C GLN A 46 -40.85 -4.85 -41.08
N VAL A 47 -39.64 -4.35 -40.80
CA VAL A 47 -38.46 -4.62 -41.62
C VAL A 47 -38.13 -6.11 -41.52
N HIS A 48 -38.19 -6.64 -40.30
CA HIS A 48 -37.92 -8.05 -40.04
C HIS A 48 -38.93 -8.97 -40.75
N ASP A 49 -40.22 -8.66 -40.66
CA ASP A 49 -41.25 -9.45 -41.34
C ASP A 49 -41.00 -9.50 -42.85
N ASN A 50 -40.63 -8.36 -43.42
CA ASN A 50 -40.35 -8.22 -44.85
C ASN A 50 -39.19 -9.15 -45.23
N CYS A 51 -38.11 -9.05 -44.46
CA CYS A 51 -36.90 -9.84 -44.63
C CYS A 51 -37.26 -11.34 -44.62
N TYR A 52 -38.11 -11.75 -43.68
CA TYR A 52 -38.54 -13.14 -43.57
C TYR A 52 -39.30 -13.56 -44.81
N THR A 53 -40.18 -12.69 -45.28
CA THR A 53 -40.97 -12.97 -46.48
C THR A 53 -40.06 -13.16 -47.71
N GLN A 54 -39.03 -12.33 -47.82
CA GLN A 54 -38.06 -12.43 -48.91
C GLN A 54 -37.24 -13.72 -48.79
N ALA A 55 -36.82 -14.03 -47.55
CA ALA A 55 -36.04 -15.23 -47.24
C ALA A 55 -36.88 -16.47 -47.47
N GLN A 56 -38.15 -16.27 -47.78
CA GLN A 56 -39.05 -17.38 -48.04
C GLN A 56 -39.06 -17.79 -49.52
N GLN A 57 -38.75 -16.82 -50.39
CA GLN A 57 -38.71 -17.08 -51.83
C GLN A 57 -37.49 -17.92 -52.17
N LEU A 58 -36.56 -18.00 -51.23
CA LEU A 58 -35.35 -18.78 -51.42
C LEU A 58 -35.71 -20.25 -51.43
N THR A 59 -35.03 -21.00 -52.29
CA THR A 59 -35.27 -22.43 -52.44
C THR A 59 -35.35 -23.06 -51.05
N GLU A 60 -36.53 -23.57 -50.70
CA GLU A 60 -36.78 -24.20 -49.40
C GLU A 60 -35.96 -23.52 -48.29
N CYS A 61 -36.42 -22.31 -47.97
CA CYS A 61 -35.80 -21.48 -46.96
C CYS A 61 -36.92 -21.02 -46.05
N SER A 62 -36.92 -21.51 -44.82
CA SER A 62 -37.92 -21.09 -43.87
C SER A 62 -37.18 -20.32 -42.77
N PRO A 63 -37.42 -19.00 -42.66
CA PRO A 63 -36.77 -18.17 -41.64
C PRO A 63 -37.12 -18.66 -40.23
N TYR A 64 -38.26 -19.33 -40.15
CA TYR A 64 -38.79 -19.87 -38.91
C TYR A 64 -38.08 -21.09 -38.32
N SER A 65 -37.63 -22.00 -39.17
CA SER A 65 -36.96 -23.23 -38.73
C SER A 65 -35.47 -23.35 -39.13
N LYS A 66 -35.07 -22.63 -40.18
CA LYS A 66 -33.67 -22.71 -40.62
C LYS A 66 -32.74 -22.31 -39.48
N ARG A 67 -31.87 -23.24 -39.11
CA ARG A 67 -30.92 -22.99 -38.04
C ARG A 67 -29.62 -22.46 -38.62
N TYR A 68 -29.21 -21.27 -38.17
CA TYR A 68 -27.99 -20.64 -38.66
C TYR A 68 -26.86 -20.62 -37.64
N SER A 69 -25.67 -20.31 -38.12
CA SER A 69 -24.50 -20.23 -37.26
C SER A 69 -24.15 -18.76 -37.02
N TYR A 70 -24.20 -18.33 -35.77
CA TYR A 70 -23.88 -16.96 -35.43
C TYR A 70 -23.14 -16.95 -34.11
N ASP A 71 -22.53 -15.83 -33.81
CA ASP A 71 -21.80 -15.71 -32.59
C ASP A 71 -22.30 -14.51 -31.83
N CYS A 72 -22.29 -14.64 -30.53
CA CYS A 72 -22.64 -13.52 -29.72
C CYS A 72 -21.58 -13.33 -28.68
N SER A 73 -20.77 -12.30 -28.90
CA SER A 73 -19.74 -11.96 -27.96
C SER A 73 -20.43 -10.97 -27.01
N GLU A 74 -19.64 -10.06 -26.48
CA GLU A 74 -20.14 -9.06 -25.56
C GLU A 74 -21.00 -8.00 -26.27
N GLY A 75 -22.19 -8.40 -26.71
CA GLY A 75 -23.09 -7.48 -27.38
C GLY A 75 -23.05 -7.51 -28.91
N THR A 76 -21.84 -7.65 -29.46
CA THR A 76 -21.67 -7.69 -30.90
C THR A 76 -22.18 -9.00 -31.43
N LEU A 77 -22.98 -8.86 -32.45
CA LEU A 77 -23.63 -9.95 -33.10
C LEU A 77 -22.96 -10.21 -34.42
N THR A 78 -22.62 -11.47 -34.62
CA THR A 78 -21.96 -11.87 -35.86
C THR A 78 -22.55 -13.14 -36.50
N CYS A 79 -22.87 -13.06 -37.77
CA CYS A 79 -23.41 -14.22 -38.49
C CYS A 79 -22.22 -14.90 -39.15
N LYS A 80 -21.88 -16.10 -38.67
CA LYS A 80 -20.74 -16.83 -39.21
C LYS A 80 -20.74 -16.95 -40.73
N ALA A 81 -19.54 -17.01 -41.32
CA ALA A 81 -19.45 -17.07 -42.76
C ALA A 81 -19.75 -18.36 -43.47
N ASP A 82 -19.76 -19.49 -42.77
CA ASP A 82 -20.00 -20.79 -43.41
C ASP A 82 -21.44 -21.08 -43.76
N ASN A 83 -22.34 -20.30 -43.17
CA ASN A 83 -23.76 -20.44 -43.39
C ASN A 83 -24.07 -20.58 -44.86
N ASP A 84 -25.04 -21.42 -45.19
CA ASP A 84 -25.43 -21.55 -46.58
C ASP A 84 -26.20 -20.29 -46.97
N GLU A 85 -26.70 -20.24 -48.20
CA GLU A 85 -27.43 -19.04 -48.64
C GLU A 85 -28.65 -18.69 -47.77
N CYS A 86 -29.43 -19.68 -47.37
CA CYS A 86 -30.61 -19.43 -46.55
C CYS A 86 -30.25 -19.06 -45.11
N ALA A 87 -29.45 -19.91 -44.45
CA ALA A 87 -29.03 -19.66 -43.07
C ALA A 87 -28.34 -18.30 -42.95
N ALA A 88 -27.55 -17.96 -43.96
CA ALA A 88 -26.84 -16.69 -43.98
C ALA A 88 -27.84 -15.55 -44.04
N PHE A 89 -28.72 -15.59 -45.03
CA PHE A 89 -29.74 -14.56 -45.21
C PHE A 89 -30.64 -14.41 -43.98
N VAL A 90 -31.15 -15.53 -43.47
CA VAL A 90 -32.02 -15.55 -42.30
C VAL A 90 -31.30 -15.04 -41.04
N CYS A 91 -30.03 -15.39 -40.88
CA CYS A 91 -29.25 -14.94 -39.74
C CYS A 91 -29.10 -13.43 -39.83
N ASP A 92 -29.07 -12.92 -41.06
CA ASP A 92 -28.95 -11.48 -41.34
C ASP A 92 -30.20 -10.74 -40.89
N CYS A 93 -31.36 -11.31 -41.24
CA CYS A 93 -32.65 -10.76 -40.88
C CYS A 93 -32.77 -10.58 -39.38
N ASP A 94 -32.39 -11.61 -38.63
CA ASP A 94 -32.46 -11.55 -37.18
C ASP A 94 -31.41 -10.62 -36.57
N ARG A 95 -30.18 -10.61 -37.09
CA ARG A 95 -29.13 -9.75 -36.54
C ARG A 95 -29.57 -8.28 -36.64
N VAL A 96 -29.92 -7.85 -37.84
CA VAL A 96 -30.39 -6.48 -38.08
C VAL A 96 -31.56 -6.12 -37.17
N ALA A 97 -32.47 -7.07 -36.93
CA ALA A 97 -33.63 -6.83 -36.07
C ALA A 97 -33.21 -6.74 -34.60
N ALA A 98 -32.31 -7.62 -34.17
CA ALA A 98 -31.83 -7.64 -32.78
C ALA A 98 -31.14 -6.32 -32.42
N ILE A 99 -30.38 -5.79 -33.37
CA ILE A 99 -29.66 -4.53 -33.21
C ILE A 99 -30.66 -3.38 -33.21
N CYS A 100 -31.63 -3.45 -34.11
CA CYS A 100 -32.67 -2.44 -34.22
C CYS A 100 -33.46 -2.36 -32.90
N PHE A 101 -33.88 -3.52 -32.41
CA PHE A 101 -34.65 -3.63 -31.17
C PHE A 101 -33.94 -2.92 -30.04
N ALA A 102 -32.65 -3.13 -29.96
CA ALA A 102 -31.79 -2.56 -28.93
C ALA A 102 -31.64 -1.04 -29.01
N GLY A 103 -31.94 -0.48 -30.19
CA GLY A 103 -31.82 0.96 -30.36
C GLY A 103 -33.13 1.70 -30.30
N ALA A 104 -34.23 0.95 -30.24
CA ALA A 104 -35.57 1.52 -30.17
C ALA A 104 -36.11 1.49 -28.74
N PRO A 105 -36.93 2.48 -28.36
CA PRO A 105 -37.49 2.52 -27.01
C PRO A 105 -38.63 1.51 -26.89
N TYR A 106 -38.84 0.97 -25.69
CA TYR A 106 -39.93 0.01 -25.48
C TYR A 106 -41.06 0.78 -24.81
N ASN A 107 -42.15 1.01 -25.56
CA ASN A 107 -43.30 1.74 -25.03
C ASN A 107 -44.42 0.78 -24.64
N LYS A 108 -44.50 0.52 -23.34
CA LYS A 108 -45.49 -0.38 -22.74
C LYS A 108 -46.88 -0.22 -23.34
N GLU A 109 -47.25 1.00 -23.67
CA GLU A 109 -48.56 1.28 -24.24
C GLU A 109 -48.81 0.52 -25.56
N ASN A 110 -47.74 0.17 -26.26
CA ASN A 110 -47.83 -0.53 -27.54
C ASN A 110 -47.78 -2.04 -27.43
N ILE A 111 -47.93 -2.58 -26.23
CA ILE A 111 -47.92 -4.02 -26.02
C ILE A 111 -49.33 -4.59 -26.14
N ASN A 112 -49.46 -5.74 -26.80
CA ASN A 112 -50.76 -6.38 -26.94
C ASN A 112 -51.89 -5.38 -27.27
N ILE A 113 -51.77 -4.69 -28.40
CA ILE A 113 -52.79 -3.73 -28.81
C ILE A 113 -53.87 -4.39 -29.69
N ASP A 114 -54.97 -3.67 -29.90
CA ASP A 114 -56.06 -4.17 -30.71
C ASP A 114 -55.71 -3.99 -32.19
N THR A 115 -54.87 -4.87 -32.71
CA THR A 115 -54.43 -4.82 -34.09
C THR A 115 -55.54 -4.65 -35.12
N THR A 116 -56.71 -5.25 -34.86
CA THR A 116 -57.86 -5.15 -35.78
C THR A 116 -58.28 -3.72 -36.12
N THR A 117 -58.08 -2.78 -35.20
CA THR A 117 -58.46 -1.37 -35.40
C THR A 117 -57.27 -0.43 -35.64
N ARG A 118 -56.19 -0.58 -34.87
CA ARG A 118 -55.00 0.28 -34.97
C ARG A 118 -54.09 -0.05 -36.18
N CYS A 119 -54.25 -1.25 -36.77
CA CYS A 119 -53.41 -1.64 -37.90
C CYS A 119 -54.15 -1.82 -39.23
N HIS B 1 -10.71 -43.63 48.97
CA HIS B 1 -11.86 -44.18 49.74
C HIS B 1 -12.29 -43.27 50.90
N LEU B 2 -13.60 -43.08 51.05
CA LEU B 2 -14.19 -42.25 52.10
C LEU B 2 -13.53 -42.37 53.47
N VAL B 3 -13.14 -43.60 53.85
CA VAL B 3 -12.49 -43.84 55.13
C VAL B 3 -11.12 -43.16 55.08
N GLN B 4 -10.57 -43.03 53.88
CA GLN B 4 -9.29 -42.37 53.66
C GLN B 4 -9.56 -40.87 53.59
N PHE B 5 -10.78 -40.52 53.18
CA PHE B 5 -11.19 -39.13 53.08
C PHE B 5 -11.31 -38.59 54.51
N ASN B 6 -11.93 -39.38 55.37
CA ASN B 6 -12.09 -39.03 56.78
C ASN B 6 -10.68 -38.84 57.36
N GLY B 7 -9.75 -39.69 56.93
CA GLY B 7 -8.38 -39.58 57.39
C GLY B 7 -7.69 -38.34 56.84
N MET B 8 -8.13 -37.88 55.68
CA MET B 8 -7.54 -36.70 55.07
C MET B 8 -8.00 -35.48 55.84
N ILE B 9 -9.29 -35.41 56.14
CA ILE B 9 -9.85 -34.30 56.89
C ILE B 9 -9.25 -34.25 58.29
N ARG B 10 -8.94 -35.41 58.83
CA ARG B 10 -8.36 -35.50 60.16
C ARG B 10 -6.91 -35.05 60.17
N CYS B 11 -6.36 -34.87 58.98
CA CYS B 11 -4.99 -34.42 58.84
C CYS B 11 -4.96 -32.90 58.87
N THR B 12 -5.89 -32.29 58.14
CA THR B 12 -6.01 -30.84 58.05
C THR B 12 -6.84 -30.25 59.18
N ILE B 13 -7.42 -31.14 59.99
CA ILE B 13 -8.25 -30.75 61.13
C ILE B 13 -8.11 -31.97 62.03
N PRO B 14 -7.00 -32.06 62.81
CA PRO B 14 -6.75 -33.20 63.71
C PRO B 14 -7.77 -33.57 64.79
N GLY B 15 -8.47 -32.57 65.33
CA GLY B 15 -9.48 -32.81 66.36
C GLY B 15 -10.89 -32.97 65.80
N SER B 16 -10.94 -33.23 64.50
CA SER B 16 -12.18 -33.40 63.77
C SER B 16 -12.70 -34.84 63.75
N ILE B 17 -14.02 -34.95 63.73
CA ILE B 17 -14.73 -36.22 63.64
C ILE B 17 -15.49 -35.98 62.34
N PRO B 18 -14.80 -36.09 61.17
CA PRO B 18 -15.31 -35.89 59.80
C PRO B 18 -16.54 -36.68 59.37
N TRP B 19 -16.58 -37.97 59.67
CA TRP B 19 -17.74 -38.78 59.26
C TRP B 19 -19.03 -38.25 59.87
N TRP B 20 -18.92 -37.49 60.95
CA TRP B 20 -20.07 -36.91 61.63
C TRP B 20 -20.21 -35.44 61.27
N ASP B 21 -19.15 -34.69 61.56
CA ASP B 21 -19.09 -33.26 61.28
C ASP B 21 -19.38 -32.87 59.82
N TYR B 22 -18.68 -33.51 58.88
CA TYR B 22 -18.83 -33.23 57.45
C TYR B 22 -19.61 -34.33 56.68
N SER B 23 -20.73 -34.76 57.25
CA SER B 23 -21.62 -35.77 56.65
C SER B 23 -23.00 -35.16 56.34
N ASP B 24 -23.33 -34.05 56.97
CA ASP B 24 -24.64 -33.37 56.78
C ASP B 24 -24.51 -31.86 56.91
N TYR B 25 -23.83 -31.23 55.96
CA TYR B 25 -23.61 -29.79 55.99
C TYR B 25 -24.00 -29.10 54.69
N GLY B 26 -24.86 -28.09 54.81
CA GLY B 26 -25.29 -27.33 53.66
C GLY B 26 -26.04 -28.07 52.57
N CYS B 27 -25.82 -27.63 51.34
CA CYS B 27 -26.47 -28.20 50.16
C CYS B 27 -25.65 -29.27 49.44
N TYR B 28 -24.44 -29.52 49.90
CA TYR B 28 -23.59 -30.51 49.26
C TYR B 28 -22.92 -31.43 50.23
N CYS B 29 -22.22 -30.86 51.20
CA CYS B 29 -21.51 -31.67 52.17
C CYS B 29 -22.36 -32.85 52.62
N GLY B 30 -22.05 -34.02 52.06
CA GLY B 30 -22.76 -35.21 52.43
C GLY B 30 -23.97 -35.51 51.61
N SER B 31 -25.08 -35.75 52.31
CA SER B 31 -26.37 -36.05 51.70
C SER B 31 -26.84 -35.04 50.66
N GLY B 32 -26.92 -35.50 49.42
CA GLY B 32 -27.39 -34.66 48.33
C GLY B 32 -26.33 -33.89 47.57
N GLY B 33 -26.83 -33.25 46.51
CA GLY B 33 -26.07 -32.42 45.59
C GLY B 33 -27.02 -31.62 44.71
N SER B 34 -27.44 -30.46 45.21
CA SER B 34 -28.33 -29.57 44.48
C SER B 34 -28.29 -28.12 44.98
N GLY B 35 -28.55 -27.18 44.10
CA GLY B 35 -28.55 -25.78 44.51
C GLY B 35 -27.20 -25.09 44.55
N THR B 36 -27.18 -23.92 45.18
CA THR B 36 -25.97 -23.11 45.31
C THR B 36 -25.42 -23.29 46.73
N PRO B 37 -24.10 -23.43 46.88
CA PRO B 37 -23.54 -23.60 48.23
C PRO B 37 -23.92 -22.44 49.15
N VAL B 38 -24.24 -22.74 50.40
CA VAL B 38 -24.63 -21.72 51.38
C VAL B 38 -23.45 -20.97 52.01
N ASP B 39 -22.23 -21.43 51.75
CA ASP B 39 -21.04 -20.78 52.28
C ASP B 39 -19.76 -21.34 51.68
N GLU B 40 -18.61 -20.93 52.23
CA GLU B 40 -17.33 -21.41 51.72
C GLU B 40 -17.15 -22.92 51.85
N LEU B 41 -17.41 -23.46 53.03
CA LEU B 41 -17.29 -24.90 53.24
C LEU B 41 -18.23 -25.68 52.32
N ASP B 42 -19.41 -25.11 52.04
CA ASP B 42 -20.39 -25.76 51.18
C ASP B 42 -19.93 -25.97 49.72
N ARG B 43 -19.29 -24.95 49.12
CA ARG B 43 -18.82 -25.13 47.73
C ARG B 43 -17.61 -26.06 47.68
N CYS B 44 -16.88 -26.17 48.80
CA CYS B 44 -15.73 -27.09 48.91
C CYS B 44 -16.29 -28.48 48.63
N CYS B 45 -17.47 -28.74 49.21
CA CYS B 45 -18.16 -30.02 49.05
C CYS B 45 -18.81 -30.06 47.67
N GLN B 46 -19.25 -28.90 47.18
CA GLN B 46 -19.85 -28.82 45.85
C GLN B 46 -18.81 -29.25 44.83
N VAL B 47 -17.64 -28.62 44.88
CA VAL B 47 -16.53 -28.94 43.99
C VAL B 47 -16.21 -30.41 44.15
N HIS B 48 -15.94 -30.82 45.39
CA HIS B 48 -15.63 -32.21 45.72
C HIS B 48 -16.61 -33.17 45.02
N ASP B 49 -17.90 -32.84 45.06
CA ASP B 49 -18.92 -33.68 44.43
C ASP B 49 -18.80 -33.77 42.92
N ASN B 50 -18.34 -32.70 42.27
CA ASN B 50 -18.18 -32.66 40.82
C ASN B 50 -16.95 -33.47 40.43
N CYS B 51 -16.05 -33.65 41.40
CA CYS B 51 -14.83 -34.41 41.19
C CYS B 51 -15.23 -35.88 41.26
N TYR B 52 -15.89 -36.27 42.35
CA TYR B 52 -16.38 -37.64 42.54
C TYR B 52 -17.20 -38.08 41.33
N THR B 53 -17.91 -37.13 40.74
CA THR B 53 -18.74 -37.40 39.56
C THR B 53 -17.85 -37.64 38.34
N GLN B 54 -16.85 -36.77 38.14
CA GLN B 54 -15.91 -36.89 37.02
C GLN B 54 -15.00 -38.13 37.15
N ALA B 55 -14.71 -38.55 38.38
CA ALA B 55 -13.87 -39.72 38.60
C ALA B 55 -14.63 -40.94 38.15
N GLN B 56 -15.96 -40.84 38.16
CA GLN B 56 -16.84 -41.92 37.72
C GLN B 56 -16.88 -41.91 36.19
N GLN B 57 -16.20 -40.92 35.60
CA GLN B 57 -16.10 -40.77 34.15
C GLN B 57 -14.88 -41.60 33.68
N LEU B 58 -14.01 -41.98 34.63
CA LEU B 58 -12.83 -42.81 34.37
C LEU B 58 -13.27 -44.29 34.34
N THR B 59 -12.40 -45.15 33.80
CA THR B 59 -12.62 -46.58 33.67
C THR B 59 -12.59 -47.27 35.02
N GLU B 60 -13.75 -47.78 35.41
CA GLU B 60 -13.97 -48.48 36.66
C GLU B 60 -13.38 -47.69 37.79
N CYS B 61 -14.03 -46.58 38.08
CA CYS B 61 -13.60 -45.67 39.11
C CYS B 61 -14.80 -45.28 39.92
N SER B 62 -14.74 -45.70 41.17
CA SER B 62 -15.74 -45.45 42.13
C SER B 62 -15.03 -44.65 43.14
N PRO B 63 -15.25 -43.38 43.02
CA PRO B 63 -14.56 -42.54 44.00
C PRO B 63 -14.70 -43.06 45.43
N TYR B 64 -15.85 -43.64 45.73
CA TYR B 64 -16.18 -44.09 47.07
C TYR B 64 -15.40 -45.22 47.73
N SER B 65 -15.26 -46.32 47.02
CA SER B 65 -14.54 -47.49 47.56
C SER B 65 -13.12 -47.71 47.06
N LYS B 66 -12.76 -47.00 46.00
CA LYS B 66 -11.44 -47.12 45.43
C LYS B 66 -10.36 -46.60 46.39
N ARG B 67 -9.58 -47.53 46.96
CA ARG B 67 -8.52 -47.19 47.90
C ARG B 67 -7.30 -46.60 47.21
N TYR B 68 -6.62 -45.69 47.89
CA TYR B 68 -5.44 -45.07 47.32
C TYR B 68 -4.38 -44.89 48.37
N SER B 69 -3.17 -44.55 47.92
CA SER B 69 -2.07 -44.33 48.82
C SER B 69 -1.81 -42.83 48.91
N TYR B 70 -1.72 -42.33 50.13
CA TYR B 70 -1.45 -40.92 50.35
C TYR B 70 -0.67 -40.85 51.65
N ASP B 71 -0.21 -39.66 52.00
CA ASP B 71 0.52 -39.49 53.24
C ASP B 71 0.11 -38.22 53.96
N CYS B 72 0.40 -38.18 55.25
CA CYS B 72 0.08 -37.02 56.07
C CYS B 72 1.11 -36.94 57.20
N SER B 73 1.77 -35.78 57.30
CA SER B 73 2.76 -35.54 58.34
C SER B 73 2.57 -34.15 58.92
N GLU B 74 1.37 -33.97 59.45
CA GLU B 74 0.88 -32.76 60.08
C GLU B 74 0.55 -31.65 59.11
N GLY B 75 -0.73 -31.69 58.72
CA GLY B 75 -1.36 -30.76 57.80
C GLY B 75 -0.93 -30.88 56.35
N THR B 76 0.28 -31.38 56.15
CA THR B 76 0.78 -31.46 54.80
C THR B 76 0.62 -32.83 54.21
N LEU B 77 -0.42 -32.85 53.38
CA LEU B 77 -0.98 -33.95 52.63
C LEU B 77 -0.39 -34.10 51.25
N THR B 78 -0.06 -35.34 50.89
CA THR B 78 0.49 -35.61 49.59
C THR B 78 0.03 -36.97 49.07
N CYS B 79 -0.53 -37.00 47.86
CA CYS B 79 -1.01 -38.25 47.22
C CYS B 79 0.24 -38.82 46.60
N LYS B 80 0.37 -40.17 46.55
CA LYS B 80 1.56 -40.85 46.05
C LYS B 80 1.57 -41.31 44.58
N ALA B 81 2.78 -41.60 44.05
CA ALA B 81 3.08 -41.99 42.63
C ALA B 81 2.81 -43.33 41.99
N ASP B 82 2.27 -44.31 42.68
CA ASP B 82 2.09 -45.54 41.92
C ASP B 82 0.62 -45.73 41.71
N ASN B 83 -0.08 -44.76 42.26
CA ASN B 83 -1.51 -44.66 42.22
C ASN B 83 -1.91 -44.61 40.75
N ASP B 84 -2.78 -45.54 40.39
CA ASP B 84 -3.28 -45.63 39.03
C ASP B 84 -4.02 -44.33 38.73
N GLU B 85 -4.73 -44.30 37.61
CA GLU B 85 -5.47 -43.11 37.25
C GLU B 85 -6.70 -42.89 38.12
N CYS B 86 -7.34 -43.97 38.54
CA CYS B 86 -8.52 -43.83 39.39
C CYS B 86 -8.19 -43.57 40.86
N ALA B 87 -7.06 -44.11 41.31
CA ALA B 87 -6.60 -43.95 42.69
C ALA B 87 -5.99 -42.55 42.84
N ALA B 88 -5.30 -42.10 41.79
CA ALA B 88 -4.67 -40.78 41.78
C ALA B 88 -5.74 -39.70 41.68
N PHE B 89 -6.71 -39.89 40.79
CA PHE B 89 -7.76 -38.91 40.63
C PHE B 89 -8.57 -38.80 41.92
N VAL B 90 -9.14 -39.90 42.39
CA VAL B 90 -9.92 -39.86 43.62
C VAL B 90 -9.08 -39.25 44.74
N CYS B 91 -7.81 -39.64 44.83
CA CYS B 91 -6.94 -39.10 45.87
C CYS B 91 -6.88 -37.58 45.76
N ASP B 92 -6.77 -37.08 44.53
CA ASP B 92 -6.73 -35.63 44.26
C ASP B 92 -7.99 -35.01 44.83
N CYS B 93 -9.13 -35.58 44.46
CA CYS B 93 -10.44 -35.12 44.92
C CYS B 93 -10.55 -34.89 46.44
N ASP B 94 -10.10 -35.88 47.20
CA ASP B 94 -10.12 -35.84 48.65
C ASP B 94 -9.05 -34.92 49.25
N ARG B 95 -7.98 -34.70 48.47
CA ARG B 95 -6.85 -33.87 48.88
C ARG B 95 -7.18 -32.39 48.79
N VAL B 96 -7.72 -31.97 47.65
CA VAL B 96 -8.10 -30.59 47.41
C VAL B 96 -9.32 -30.15 48.27
N ALA B 97 -10.17 -31.12 48.65
CA ALA B 97 -11.36 -30.88 49.48
C ALA B 97 -10.97 -30.77 50.96
N ALA B 98 -10.24 -31.77 51.45
CA ALA B 98 -9.76 -31.78 52.84
C ALA B 98 -9.02 -30.47 53.19
N ILE B 99 -8.17 -30.01 52.26
CA ILE B 99 -7.40 -28.78 52.43
C ILE B 99 -8.37 -27.60 52.46
N CYS B 100 -9.41 -27.68 51.64
CA CYS B 100 -10.47 -26.66 51.52
C CYS B 100 -11.34 -26.53 52.77
N PHE B 101 -11.61 -27.68 53.39
CA PHE B 101 -12.42 -27.73 54.60
C PHE B 101 -11.69 -26.98 55.70
N ALA B 102 -10.37 -27.16 55.77
CA ALA B 102 -9.53 -26.51 56.75
C ALA B 102 -9.54 -24.98 56.61
N GLY B 103 -9.61 -24.49 55.38
CA GLY B 103 -9.63 -23.05 55.16
C GLY B 103 -10.96 -22.34 55.35
N ALA B 104 -12.07 -23.05 55.11
CA ALA B 104 -13.41 -22.47 55.23
C ALA B 104 -13.92 -22.40 56.68
N PRO B 105 -14.61 -21.31 57.03
CA PRO B 105 -15.13 -21.19 58.40
C PRO B 105 -16.22 -22.23 58.61
N TYR B 106 -16.31 -22.78 59.82
CA TYR B 106 -17.34 -23.78 60.11
C TYR B 106 -18.50 -23.15 60.87
N ASN B 107 -19.48 -22.62 60.13
CA ASN B 107 -20.68 -21.99 60.71
C ASN B 107 -21.67 -23.06 61.12
N LYS B 108 -21.44 -23.62 62.31
CA LYS B 108 -22.28 -24.67 62.89
C LYS B 108 -23.77 -24.48 62.63
N GLU B 109 -24.18 -23.27 62.28
CA GLU B 109 -25.60 -23.00 62.01
C GLU B 109 -26.04 -23.53 60.65
N ASN B 110 -25.06 -24.03 59.90
CA ASN B 110 -25.30 -24.58 58.57
C ASN B 110 -25.22 -26.13 58.53
N ILE B 111 -25.43 -26.78 59.67
CA ILE B 111 -25.41 -28.26 59.78
C ILE B 111 -26.83 -28.84 59.66
N ASN B 112 -27.02 -29.84 58.77
CA ASN B 112 -28.32 -30.53 58.57
C ASN B 112 -29.43 -29.54 58.44
N ILE B 113 -29.24 -28.63 57.49
CA ILE B 113 -30.22 -27.59 57.25
C ILE B 113 -31.32 -28.26 56.45
N ASP B 114 -32.44 -27.57 56.27
CA ASP B 114 -33.54 -28.13 55.52
C ASP B 114 -33.21 -28.10 54.05
N THR B 115 -32.83 -29.26 53.53
CA THR B 115 -32.45 -29.46 52.13
C THR B 115 -33.54 -29.11 51.11
N THR B 116 -34.71 -29.73 51.24
CA THR B 116 -35.84 -29.52 50.33
C THR B 116 -36.19 -28.05 49.97
N THR B 117 -36.09 -27.14 50.92
CA THR B 117 -36.41 -25.74 50.64
C THR B 117 -35.17 -24.93 50.26
N ARG B 118 -34.17 -24.91 51.13
CA ARG B 118 -32.93 -24.15 50.92
C ARG B 118 -32.06 -24.43 49.69
N CYS B 119 -32.13 -25.64 49.11
CA CYS B 119 -31.31 -25.96 47.93
C CYS B 119 -32.14 -26.16 46.67
N HIS C 1 13.30 -8.12 56.71
CA HIS C 1 14.64 -8.12 56.07
C HIS C 1 14.68 -6.98 55.06
N LEU C 2 15.88 -6.45 54.84
CA LEU C 2 16.08 -5.36 53.89
C LEU C 2 15.55 -5.76 52.51
N VAL C 3 15.71 -7.03 52.17
CA VAL C 3 15.23 -7.52 50.88
C VAL C 3 13.69 -7.46 50.83
N GLN C 4 13.06 -7.73 51.97
CA GLN C 4 11.60 -7.71 52.07
C GLN C 4 11.08 -6.28 52.13
N PHE C 5 11.86 -5.37 52.75
CA PHE C 5 11.47 -3.97 52.82
C PHE C 5 11.39 -3.45 51.39
N ASN C 6 12.29 -3.91 50.54
CA ASN C 6 12.32 -3.54 49.12
C ASN C 6 11.04 -4.00 48.44
N GLY C 7 10.60 -5.22 48.76
CA GLY C 7 9.37 -5.77 48.20
C GLY C 7 8.15 -5.00 48.64
N MET C 8 8.10 -4.62 49.92
CA MET C 8 6.99 -3.84 50.45
C MET C 8 6.87 -2.50 49.74
N ILE C 9 7.99 -1.78 49.64
CA ILE C 9 8.01 -0.48 48.98
C ILE C 9 7.49 -0.58 47.55
N ARG C 10 7.90 -1.62 46.82
CA ARG C 10 7.40 -1.78 45.45
C ARG C 10 6.00 -2.34 45.47
N CYS C 11 5.51 -2.66 46.66
CA CYS C 11 4.16 -3.14 46.79
C CYS C 11 3.28 -1.88 46.80
N THR C 12 3.77 -0.84 47.49
CA THR C 12 3.05 0.43 47.61
C THR C 12 3.41 1.41 46.49
N ILE C 13 4.64 1.32 46.00
CA ILE C 13 5.10 2.18 44.91
C ILE C 13 5.63 1.25 43.81
N PRO C 14 4.71 0.72 42.96
CA PRO C 14 5.02 -0.19 41.83
C PRO C 14 6.10 0.22 40.81
N GLY C 15 6.16 1.51 40.46
CA GLY C 15 7.15 2.01 39.53
C GLY C 15 8.54 2.23 40.13
N SER C 16 8.70 1.88 41.40
CA SER C 16 9.96 2.07 42.12
C SER C 16 10.99 0.95 42.00
N ILE C 17 12.24 1.35 42.15
CA ILE C 17 13.39 0.46 42.18
C ILE C 17 13.98 0.96 43.50
N PRO C 18 13.33 0.59 44.63
CA PRO C 18 13.67 0.95 46.01
C PRO C 18 15.14 0.94 46.45
N TRP C 19 15.84 -0.18 46.28
CA TRP C 19 17.25 -0.27 46.68
C TRP C 19 18.08 0.85 46.00
N TRP C 20 17.54 1.43 44.94
CA TRP C 20 18.22 2.52 44.24
C TRP C 20 17.54 3.85 44.55
N ASP C 21 16.25 3.94 44.26
CA ASP C 21 15.48 5.18 44.51
C ASP C 21 15.60 5.78 45.90
N TYR C 22 15.38 4.96 46.93
CA TYR C 22 15.42 5.44 48.33
C TYR C 22 16.66 5.14 49.17
N SER C 23 17.70 4.63 48.53
CA SER C 23 18.94 4.29 49.23
C SER C 23 19.89 5.44 49.60
N ASP C 24 19.68 6.62 49.01
CA ASP C 24 20.50 7.80 49.32
C ASP C 24 19.60 9.02 49.07
N TYR C 25 18.71 9.29 50.00
CA TYR C 25 17.79 10.41 49.87
C TYR C 25 17.72 11.21 51.15
N GLY C 26 17.89 12.52 51.03
CA GLY C 26 17.85 13.37 52.20
C GLY C 26 18.87 13.05 53.28
N CYS C 27 18.43 13.27 54.51
CA CYS C 27 19.22 13.07 55.71
C CYS C 27 18.99 11.72 56.41
N TYR C 28 17.93 11.02 56.07
CA TYR C 28 17.63 9.76 56.73
C TYR C 28 17.40 8.55 55.87
N CYS C 29 17.15 8.76 54.59
CA CYS C 29 16.93 7.62 53.71
C CYS C 29 18.26 7.08 53.25
N GLY C 30 18.56 5.85 53.67
CA GLY C 30 19.81 5.22 53.30
C GLY C 30 20.62 4.99 54.55
N SER C 31 21.83 4.45 54.37
CA SER C 31 22.70 4.18 55.50
C SER C 31 22.87 5.43 56.36
N GLY C 32 22.65 5.26 57.66
CA GLY C 32 22.79 6.36 58.59
C GLY C 32 21.64 7.35 58.63
N GLY C 33 21.77 8.34 59.49
CA GLY C 33 20.75 9.37 59.63
C GLY C 33 21.10 10.32 60.75
N SER C 34 20.92 11.62 60.49
CA SER C 34 21.20 12.65 61.48
C SER C 34 20.60 13.97 61.00
N GLY C 35 20.43 14.92 61.92
CA GLY C 35 19.88 16.21 61.57
C GLY C 35 18.37 16.30 61.43
N THR C 36 17.92 17.35 60.77
CA THR C 36 16.50 17.59 60.54
C THR C 36 16.10 17.01 59.19
N PRO C 37 15.03 16.20 59.14
CA PRO C 37 14.65 15.67 57.84
C PRO C 37 14.40 16.83 56.89
N VAL C 38 14.73 16.67 55.61
CA VAL C 38 14.54 17.74 54.62
C VAL C 38 13.13 17.86 54.07
N ASP C 39 12.44 16.73 53.95
CA ASP C 39 11.07 16.72 53.44
C ASP C 39 10.29 15.55 54.03
N GLU C 40 9.04 15.38 53.59
CA GLU C 40 8.18 14.32 54.10
C GLU C 40 8.72 12.90 53.88
N LEU C 41 9.29 12.62 52.71
CA LEU C 41 9.84 11.29 52.44
C LEU C 41 10.96 11.03 53.44
N ASP C 42 11.79 12.05 53.65
CA ASP C 42 12.91 11.93 54.57
C ASP C 42 12.38 11.69 55.99
N ARG C 43 11.25 12.29 56.33
CA ARG C 43 10.66 12.10 57.65
C ARG C 43 10.25 10.62 57.80
N CYS C 44 9.80 10.01 56.71
CA CYS C 44 9.41 8.60 56.69
C CYS C 44 10.60 7.76 57.09
N CYS C 45 11.77 8.14 56.58
CA CYS C 45 13.01 7.43 56.86
C CYS C 45 13.49 7.69 58.27
N GLN C 46 13.15 8.84 58.83
CA GLN C 46 13.56 9.14 60.19
C GLN C 46 12.79 8.23 61.15
N VAL C 47 11.48 8.09 60.93
CA VAL C 47 10.65 7.24 61.77
C VAL C 47 11.16 5.81 61.62
N HIS C 48 11.38 5.41 60.37
CA HIS C 48 11.87 4.08 60.07
C HIS C 48 13.21 3.84 60.76
N ASP C 49 14.10 4.83 60.70
CA ASP C 49 15.40 4.71 61.35
C ASP C 49 15.25 4.43 62.85
N ASN C 50 14.35 5.15 63.52
CA ASN C 50 14.09 4.98 64.96
C ASN C 50 13.48 3.62 65.28
N CYS C 51 12.58 3.16 64.41
CA CYS C 51 11.92 1.89 64.57
C CYS C 51 12.96 0.75 64.52
N TYR C 52 13.97 0.91 63.67
CA TYR C 52 15.04 -0.08 63.52
C TYR C 52 15.95 -0.09 64.76
N THR C 53 16.25 1.10 65.27
CA THR C 53 17.10 1.24 66.45
C THR C 53 16.43 0.58 67.67
N GLN C 54 15.11 0.58 67.68
CA GLN C 54 14.35 -0.04 68.76
C GLN C 54 14.26 -1.57 68.60
N ALA C 55 14.26 -2.06 67.36
CA ALA C 55 14.21 -3.49 67.09
C ALA C 55 15.49 -4.13 67.60
N GLN C 56 16.58 -3.37 67.56
CA GLN C 56 17.89 -3.82 68.02
C GLN C 56 17.94 -3.87 69.56
N GLN C 57 16.88 -3.42 70.21
CA GLN C 57 16.87 -3.49 71.67
C GLN C 57 16.15 -4.75 72.14
N LEU C 58 15.38 -5.36 71.25
CA LEU C 58 14.69 -6.59 71.57
C LEU C 58 15.75 -7.68 71.54
N THR C 59 15.44 -8.85 72.10
CA THR C 59 16.39 -9.95 72.13
C THR C 59 16.50 -10.63 70.76
N GLU C 60 17.74 -10.97 70.35
CA GLU C 60 18.01 -11.60 69.06
C GLU C 60 17.20 -10.97 67.93
N CYS C 61 17.41 -9.67 67.75
CA CYS C 61 16.70 -8.91 66.74
C CYS C 61 17.52 -7.97 65.91
N SER C 62 17.63 -8.29 64.62
CA SER C 62 18.33 -7.46 63.67
C SER C 62 17.26 -7.12 62.63
N PRO C 63 16.89 -5.84 62.52
CA PRO C 63 15.86 -5.45 61.54
C PRO C 63 16.39 -5.63 60.12
N TYR C 64 17.71 -5.80 60.01
CA TYR C 64 18.40 -5.97 58.74
C TYR C 64 18.33 -7.38 58.18
N SER C 65 18.58 -8.38 59.02
CA SER C 65 18.57 -9.78 58.59
C SER C 65 17.32 -10.58 58.91
N LYS C 66 16.68 -10.25 60.02
CA LYS C 66 15.47 -10.95 60.45
C LYS C 66 14.40 -11.00 59.34
N ARG C 67 14.17 -12.21 58.83
CA ARG C 67 13.18 -12.36 57.77
C ARG C 67 11.81 -12.58 58.42
N TYR C 68 10.80 -11.87 57.90
CA TYR C 68 9.44 -11.95 58.41
C TYR C 68 8.46 -12.44 57.36
N SER C 69 7.23 -12.68 57.77
CA SER C 69 6.20 -13.11 56.86
C SER C 69 5.22 -11.96 56.61
N TYR C 70 5.07 -11.59 55.34
CA TYR C 70 4.15 -10.53 54.97
C TYR C 70 3.55 -10.85 53.62
N ASP C 71 2.49 -10.12 53.31
CA ASP C 71 1.81 -10.35 52.06
C ASP C 71 1.47 -9.05 51.35
N CYS C 72 1.55 -9.07 50.03
CA CYS C 72 1.21 -7.92 49.22
C CYS C 72 0.11 -8.26 48.24
N SER C 73 -1.14 -8.05 48.68
CA SER C 73 -2.33 -8.31 47.89
C SER C 73 -2.91 -7.02 47.31
N GLU C 74 -2.53 -6.71 46.07
CA GLU C 74 -3.01 -5.52 45.34
C GLU C 74 -2.76 -4.14 45.93
N GLY C 75 -1.51 -3.83 46.28
CA GLY C 75 -1.28 -2.52 46.86
C GLY C 75 -1.50 -2.47 48.36
N THR C 76 -2.20 -3.47 48.89
CA THR C 76 -2.45 -3.57 50.32
C THR C 76 -1.38 -4.53 50.88
N LEU C 77 -0.74 -4.10 51.97
CA LEU C 77 0.32 -4.84 52.69
C LEU C 77 -0.12 -5.40 54.04
N THR C 78 0.35 -6.60 54.40
CA THR C 78 -0.06 -7.17 55.68
C THR C 78 0.99 -8.04 56.38
N CYS C 79 1.34 -7.66 57.61
CA CYS C 79 2.30 -8.43 58.39
C CYS C 79 1.52 -9.57 59.03
N LYS C 80 1.68 -10.76 58.47
CA LYS C 80 0.95 -11.94 58.93
C LYS C 80 1.10 -12.31 60.42
N ALA C 81 0.15 -13.09 60.92
CA ALA C 81 0.15 -13.52 62.32
C ALA C 81 1.36 -14.42 62.56
N ASP C 82 1.91 -14.91 61.46
CA ASP C 82 3.07 -15.79 61.45
C ASP C 82 4.39 -15.05 61.75
N ASN C 83 4.46 -14.37 62.89
CA ASN C 83 5.67 -13.62 63.22
C ASN C 83 6.02 -13.66 64.69
N ASP C 84 7.30 -13.85 65.00
CA ASP C 84 7.72 -13.84 66.40
C ASP C 84 7.97 -12.37 66.75
N GLU C 85 8.19 -12.07 68.03
CA GLU C 85 8.42 -10.68 68.48
C GLU C 85 9.26 -9.78 67.56
N CYS C 86 10.43 -10.27 67.14
CA CYS C 86 11.30 -9.50 66.28
C CYS C 86 10.74 -9.32 64.88
N ALA C 87 10.38 -10.44 64.22
CA ALA C 87 9.84 -10.40 62.87
C ALA C 87 8.61 -9.50 62.77
N ALA C 88 7.70 -9.61 63.74
CA ALA C 88 6.50 -8.78 63.76
C ALA C 88 6.83 -7.30 63.90
N PHE C 89 7.74 -6.96 64.82
CA PHE C 89 8.14 -5.57 65.06
C PHE C 89 8.84 -5.01 63.83
N VAL C 90 9.84 -5.75 63.34
CA VAL C 90 10.60 -5.36 62.15
C VAL C 90 9.64 -5.25 60.96
N CYS C 91 8.66 -6.14 60.90
CA CYS C 91 7.70 -6.13 59.80
C CYS C 91 6.89 -4.84 59.83
N ASP C 92 6.33 -4.49 60.99
CA ASP C 92 5.54 -3.27 61.10
C ASP C 92 6.40 -2.06 60.77
N CYS C 93 7.66 -2.10 61.20
CA CYS C 93 8.57 -1.01 60.91
C CYS C 93 8.53 -0.73 59.42
N ASP C 94 8.85 -1.75 58.63
CA ASP C 94 8.87 -1.61 57.18
C ASP C 94 7.51 -1.28 56.60
N ARG C 95 6.47 -2.01 57.01
CA ARG C 95 5.13 -1.77 56.48
C ARG C 95 4.71 -0.30 56.66
N VAL C 96 4.90 0.26 57.84
CA VAL C 96 4.54 1.65 58.09
C VAL C 96 5.35 2.59 57.20
N ALA C 97 6.64 2.30 57.03
CA ALA C 97 7.52 3.12 56.20
C ALA C 97 7.16 3.03 54.71
N ALA C 98 6.80 1.84 54.27
CA ALA C 98 6.42 1.61 52.87
C ALA C 98 5.16 2.42 52.52
N ILE C 99 4.20 2.41 53.44
CA ILE C 99 2.95 3.14 53.26
C ILE C 99 3.26 4.64 53.30
N CYS C 100 4.20 5.03 54.16
CA CYS C 100 4.64 6.42 54.32
C CYS C 100 5.30 6.96 53.06
N PHE C 101 6.15 6.14 52.45
CA PHE C 101 6.89 6.47 51.23
C PHE C 101 5.93 6.74 50.09
N ALA C 102 4.92 5.89 49.96
CA ALA C 102 3.93 6.01 48.90
C ALA C 102 3.16 7.32 48.98
N GLY C 103 2.95 7.83 50.18
CA GLY C 103 2.22 9.09 50.33
C GLY C 103 2.98 10.39 50.34
N ALA C 104 4.31 10.31 50.26
CA ALA C 104 5.15 11.51 50.26
C ALA C 104 5.67 11.84 48.87
N PRO C 105 5.86 13.14 48.57
CA PRO C 105 6.35 13.53 47.25
C PRO C 105 7.83 13.15 47.09
N TYR C 106 8.21 12.73 45.89
CA TYR C 106 9.59 12.35 45.64
C TYR C 106 10.27 13.53 44.99
N ASN C 107 11.08 14.25 45.77
CA ASN C 107 11.79 15.43 45.29
C ASN C 107 13.24 15.12 44.89
N LYS C 108 13.47 14.97 43.58
CA LYS C 108 14.79 14.65 43.02
C LYS C 108 15.97 15.50 43.45
N GLU C 109 15.72 16.73 43.90
CA GLU C 109 16.80 17.61 44.33
C GLU C 109 17.33 17.11 45.66
N ASN C 110 16.58 16.21 46.30
CA ASN C 110 16.96 15.66 47.59
C ASN C 110 17.65 14.29 47.55
N ILE C 111 18.01 13.83 46.34
CA ILE C 111 18.70 12.57 46.16
C ILE C 111 20.20 12.81 46.29
N ASN C 112 20.90 11.90 46.98
CA ASN C 112 22.34 12.02 47.14
C ASN C 112 22.82 13.43 47.52
N ILE C 113 22.28 13.99 48.60
CA ILE C 113 22.68 15.31 49.02
C ILE C 113 23.94 15.27 49.88
N ASP C 114 24.68 16.37 49.87
CA ASP C 114 25.90 16.51 50.65
C ASP C 114 25.41 16.53 52.10
N THR C 115 25.21 15.33 52.68
CA THR C 115 24.72 15.20 54.04
C THR C 115 25.67 15.70 55.13
N THR C 116 26.91 16.01 54.75
CA THR C 116 27.91 16.51 55.68
C THR C 116 27.66 17.99 56.10
N THR C 117 26.87 18.71 55.30
CA THR C 117 26.54 20.11 55.59
C THR C 117 25.04 20.34 55.60
N ARG C 118 24.27 19.34 55.15
CA ARG C 118 22.82 19.42 55.09
C ARG C 118 22.10 18.75 56.27
N CYS C 119 22.86 18.03 57.10
CA CYS C 119 22.28 17.33 58.25
C CYS C 119 23.14 17.50 59.51
N HIS D 1 -7.81 19.59 -70.68
CA HIS D 1 -8.78 18.71 -70.01
C HIS D 1 -9.40 19.45 -68.83
N LEU D 2 -10.69 19.22 -68.60
CA LEU D 2 -11.42 19.87 -67.50
C LEU D 2 -10.73 19.73 -66.15
N VAL D 3 -10.20 18.54 -65.88
CA VAL D 3 -9.51 18.26 -64.63
C VAL D 3 -8.24 19.12 -64.49
N GLN D 4 -7.62 19.46 -65.62
CA GLN D 4 -6.41 20.29 -65.61
C GLN D 4 -6.81 21.75 -65.48
N PHE D 5 -7.98 22.12 -66.01
CA PHE D 5 -8.47 23.49 -65.89
C PHE D 5 -8.63 23.77 -64.40
N ASN D 6 -9.10 22.76 -63.67
CA ASN D 6 -9.29 22.81 -62.23
C ASN D 6 -7.93 23.14 -61.61
N GLY D 7 -6.89 22.44 -62.10
CA GLY D 7 -5.54 22.66 -61.64
C GLY D 7 -5.02 24.05 -61.97
N MET D 8 -5.38 24.56 -63.15
CA MET D 8 -4.95 25.89 -63.54
C MET D 8 -5.56 26.95 -62.63
N ILE D 9 -6.84 26.82 -62.32
CA ILE D 9 -7.48 27.77 -61.43
C ILE D 9 -6.87 27.71 -60.03
N ARG D 10 -6.56 26.51 -59.55
CA ARG D 10 -5.92 26.37 -58.25
C ARG D 10 -4.62 27.19 -58.20
N CYS D 11 -3.99 27.31 -59.36
CA CYS D 11 -2.74 28.05 -59.51
C CYS D 11 -2.92 29.56 -59.29
N THR D 12 -3.87 30.17 -60.02
CA THR D 12 -4.14 31.60 -59.90
C THR D 12 -5.02 31.98 -58.71
N ILE D 13 -5.79 31.01 -58.22
CA ILE D 13 -6.68 31.23 -57.08
C ILE D 13 -6.45 30.07 -56.09
N PRO D 14 -5.32 30.08 -55.35
CA PRO D 14 -4.94 29.07 -54.35
C PRO D 14 -5.94 28.59 -53.29
N GLY D 15 -6.77 29.48 -52.77
CA GLY D 15 -7.74 29.07 -51.76
C GLY D 15 -8.99 28.44 -52.36
N SER D 16 -9.06 28.44 -53.68
CA SER D 16 -10.22 27.95 -54.41
C SER D 16 -10.36 26.44 -54.61
N ILE D 17 -11.60 26.05 -54.81
CA ILE D 17 -11.97 24.67 -55.08
C ILE D 17 -12.80 24.90 -56.34
N PRO D 18 -12.09 25.08 -57.48
CA PRO D 18 -12.64 25.33 -58.83
C PRO D 18 -13.88 24.57 -59.29
N TRP D 19 -13.80 23.24 -59.36
CA TRP D 19 -14.92 22.40 -59.81
C TRP D 19 -16.22 22.66 -59.03
N TRP D 20 -16.11 23.36 -57.91
CA TRP D 20 -17.28 23.69 -57.09
C TRP D 20 -17.56 25.20 -57.10
N ASP D 21 -16.53 25.98 -56.76
CA ASP D 21 -16.65 27.43 -56.72
C ASP D 21 -17.07 28.05 -58.05
N TYR D 22 -16.57 27.53 -59.15
CA TYR D 22 -16.85 28.08 -60.47
C TYR D 22 -17.61 27.17 -61.42
N SER D 23 -18.37 26.21 -60.89
CA SER D 23 -19.11 25.28 -61.73
C SER D 23 -20.54 25.70 -61.99
N ASP D 24 -21.09 26.55 -61.15
CA ASP D 24 -22.46 27.02 -61.35
C ASP D 24 -22.55 28.46 -60.86
N TYR D 25 -22.00 29.35 -61.67
CA TYR D 25 -21.94 30.76 -61.35
C TYR D 25 -22.38 31.60 -62.55
N GLY D 26 -23.09 32.70 -62.26
CA GLY D 26 -23.56 33.57 -63.33
C GLY D 26 -24.35 32.85 -64.39
N CYS D 27 -24.27 33.36 -65.62
CA CYS D 27 -24.98 32.81 -66.77
C CYS D 27 -24.16 31.85 -67.61
N TYR D 28 -22.84 32.06 -67.59
CA TYR D 28 -21.91 31.27 -68.37
C TYR D 28 -21.02 30.27 -67.63
N CYS D 29 -20.65 30.56 -66.39
CA CYS D 29 -19.80 29.63 -65.63
C CYS D 29 -20.56 28.37 -65.33
N GLY D 30 -20.18 27.31 -66.02
CA GLY D 30 -20.85 26.03 -65.86
C GLY D 30 -21.46 25.63 -67.18
N SER D 31 -21.95 24.39 -67.25
CA SER D 31 -22.54 23.88 -68.47
C SER D 31 -23.45 24.91 -69.13
N GLY D 32 -23.34 25.02 -70.44
CA GLY D 32 -24.14 25.96 -71.19
C GLY D 32 -23.80 27.40 -70.87
N GLY D 33 -24.79 28.27 -71.06
CA GLY D 33 -24.58 29.68 -70.80
C GLY D 33 -25.12 30.54 -71.93
N SER D 34 -25.89 31.56 -71.56
CA SER D 34 -26.46 32.46 -72.55
C SER D 34 -26.80 33.79 -71.89
N GLY D 35 -27.39 34.69 -72.66
CA GLY D 35 -27.77 35.99 -72.13
C GLY D 35 -26.59 36.92 -71.91
N THR D 36 -26.79 37.89 -71.02
CA THR D 36 -25.76 38.86 -70.70
C THR D 36 -25.13 38.51 -69.35
N PRO D 37 -23.82 38.70 -69.24
CA PRO D 37 -23.09 38.41 -68.00
C PRO D 37 -23.59 39.19 -66.79
N VAL D 38 -23.49 38.59 -65.60
CA VAL D 38 -23.92 39.25 -64.36
C VAL D 38 -22.78 39.94 -63.60
N ASP D 39 -21.57 39.84 -64.14
CA ASP D 39 -20.37 40.46 -63.57
C ASP D 39 -19.15 40.06 -64.37
N GLU D 40 -17.98 40.59 -64.03
CA GLU D 40 -16.73 40.28 -64.74
C GLU D 40 -16.38 38.78 -64.79
N LEU D 41 -16.47 38.10 -63.65
CA LEU D 41 -16.18 36.67 -63.58
C LEU D 41 -17.00 35.89 -64.60
N ASP D 42 -18.29 36.18 -64.63
CA ASP D 42 -19.21 35.53 -65.55
C ASP D 42 -18.73 35.76 -66.98
N ARG D 43 -18.26 36.98 -67.25
CA ARG D 43 -17.75 37.32 -68.57
C ARG D 43 -16.52 36.46 -68.92
N CYS D 44 -15.71 36.10 -67.92
CA CYS D 44 -14.53 35.25 -68.12
C CYS D 44 -15.01 33.92 -68.67
N CYS D 45 -16.09 33.41 -68.09
CA CYS D 45 -16.67 32.14 -68.51
C CYS D 45 -17.31 32.22 -69.87
N GLN D 46 -17.85 33.38 -70.21
CA GLN D 46 -18.48 33.60 -71.52
C GLN D 46 -17.37 33.49 -72.57
N VAL D 47 -16.26 34.17 -72.32
CA VAL D 47 -15.11 34.15 -73.22
C VAL D 47 -14.51 32.75 -73.27
N HIS D 48 -14.44 32.11 -72.11
CA HIS D 48 -13.90 30.76 -72.02
C HIS D 48 -14.78 29.82 -72.84
N ASP D 49 -16.09 30.03 -72.76
CA ASP D 49 -17.04 29.22 -73.53
C ASP D 49 -16.80 29.40 -75.01
N ASN D 50 -16.54 30.64 -75.42
CA ASN D 50 -16.27 30.99 -76.82
C ASN D 50 -14.99 30.37 -77.32
N CYS D 51 -14.01 30.29 -76.42
CA CYS D 51 -12.72 29.71 -76.74
C CYS D 51 -12.95 28.20 -76.99
N TYR D 52 -13.60 27.53 -76.05
CA TYR D 52 -13.93 26.11 -76.16
C TYR D 52 -14.67 25.80 -77.47
N THR D 53 -15.53 26.71 -77.90
CA THR D 53 -16.26 26.55 -79.15
C THR D 53 -15.29 26.71 -80.32
N GLN D 54 -14.40 27.69 -80.26
CA GLN D 54 -13.39 27.90 -81.30
C GLN D 54 -12.46 26.66 -81.37
N ALA D 55 -12.21 26.06 -80.22
CA ALA D 55 -11.35 24.88 -80.09
C ALA D 55 -11.90 23.66 -80.82
N GLN D 56 -13.19 23.38 -80.63
CA GLN D 56 -13.85 22.24 -81.26
C GLN D 56 -13.81 22.27 -82.80
N GLN D 57 -13.38 23.40 -83.37
CA GLN D 57 -13.27 23.55 -84.84
C GLN D 57 -11.94 23.03 -85.35
N LEU D 58 -11.02 22.79 -84.42
CA LEU D 58 -9.71 22.26 -84.76
C LEU D 58 -9.92 20.76 -84.90
N THR D 59 -9.45 20.20 -86.01
CA THR D 59 -9.58 18.78 -86.32
C THR D 59 -9.56 17.84 -85.08
N GLU D 60 -10.65 17.09 -84.90
CA GLU D 60 -10.82 16.14 -83.79
C GLU D 60 -10.31 16.68 -82.44
N CYS D 61 -10.92 17.78 -82.00
CA CYS D 61 -10.53 18.46 -80.78
C CYS D 61 -11.69 18.62 -79.80
N SER D 62 -11.49 18.18 -78.56
CA SER D 62 -12.49 18.32 -77.52
C SER D 62 -11.77 18.97 -76.36
N PRO D 63 -12.18 20.19 -75.98
CA PRO D 63 -11.58 20.95 -74.89
C PRO D 63 -11.81 20.36 -73.50
N TYR D 64 -12.83 19.51 -73.40
CA TYR D 64 -13.19 18.88 -72.12
C TYR D 64 -12.33 17.65 -71.82
N SER D 65 -11.93 16.93 -72.87
CA SER D 65 -11.14 15.72 -72.74
C SER D 65 -9.67 15.82 -73.19
N LYS D 66 -9.37 16.73 -74.10
CA LYS D 66 -7.99 16.84 -74.57
C LYS D 66 -7.05 17.19 -73.41
N ARG D 67 -6.03 16.35 -73.22
CA ARG D 67 -5.05 16.58 -72.17
C ARG D 67 -3.91 17.36 -72.79
N TYR D 68 -3.45 18.37 -72.06
CA TYR D 68 -2.37 19.22 -72.52
C TYR D 68 -1.22 19.27 -71.51
N SER D 69 -0.12 19.87 -71.90
CA SER D 69 1.02 19.99 -71.01
C SER D 69 1.14 21.44 -70.52
N TYR D 70 0.97 21.65 -69.22
CA TYR D 70 1.08 22.99 -68.66
C TYR D 70 1.92 22.97 -67.40
N ASP D 71 2.29 24.16 -66.94
CA ASP D 71 3.08 24.30 -65.73
C ASP D 71 2.57 25.44 -64.84
N CYS D 72 2.68 25.25 -63.54
CA CYS D 72 2.27 26.25 -62.59
C CYS D 72 3.38 26.46 -61.58
N SER D 73 3.73 27.71 -61.37
CA SER D 73 4.79 28.09 -60.45
C SER D 73 4.20 28.72 -59.20
N GLU D 74 3.08 28.19 -58.75
CA GLU D 74 2.41 28.70 -57.57
C GLU D 74 1.78 30.07 -57.83
N GLY D 75 1.37 30.32 -59.07
CA GLY D 75 0.75 31.58 -59.40
C GLY D 75 0.78 31.90 -60.87
N THR D 76 1.90 31.60 -61.51
CA THR D 76 2.07 31.86 -62.93
C THR D 76 2.03 30.62 -63.79
N LEU D 77 1.08 30.67 -64.73
CA LEU D 77 0.73 29.65 -65.72
C LEU D 77 1.56 29.70 -67.01
N THR D 78 1.87 28.51 -67.50
CA THR D 78 2.67 28.37 -68.70
C THR D 78 2.27 27.15 -69.51
N CYS D 79 1.88 27.36 -70.76
CA CYS D 79 1.51 26.25 -71.62
C CYS D 79 2.79 25.84 -72.32
N LYS D 80 3.29 24.66 -71.95
CA LYS D 80 4.50 24.15 -72.53
C LYS D 80 4.24 23.91 -74.02
N ALA D 81 5.31 23.98 -74.80
CA ALA D 81 5.29 23.87 -76.25
C ALA D 81 4.93 22.54 -76.89
N ASP D 82 5.50 21.47 -76.38
CA ASP D 82 5.28 20.14 -76.91
C ASP D 82 3.80 19.82 -77.15
N ASN D 83 2.94 20.80 -76.92
CA ASN D 83 1.51 20.66 -77.12
C ASN D 83 1.11 20.64 -78.57
N ASP D 84 0.31 19.63 -78.96
CA ASP D 84 -0.18 19.49 -80.32
C ASP D 84 -1.19 20.60 -80.57
N GLU D 85 -1.59 20.73 -81.83
CA GLU D 85 -2.54 21.75 -82.25
C GLU D 85 -3.66 21.99 -81.23
N CYS D 86 -4.40 20.94 -80.93
CA CYS D 86 -5.55 20.99 -80.01
C CYS D 86 -5.20 21.26 -78.55
N ALA D 87 -4.23 20.53 -78.02
CA ALA D 87 -3.81 20.72 -76.63
C ALA D 87 -3.33 22.14 -76.38
N ALA D 88 -2.60 22.72 -77.35
CA ALA D 88 -2.07 24.07 -77.23
C ALA D 88 -3.16 25.12 -77.14
N PHE D 89 -4.17 25.00 -78.00
CA PHE D 89 -5.29 25.94 -78.03
C PHE D 89 -6.18 25.81 -76.79
N VAL D 90 -6.44 24.59 -76.35
CA VAL D 90 -7.25 24.30 -75.16
C VAL D 90 -6.52 24.80 -73.94
N CYS D 91 -5.22 24.53 -73.91
CA CYS D 91 -4.39 24.98 -72.81
C CYS D 91 -4.51 26.48 -72.67
N ASP D 92 -4.45 27.17 -73.81
CA ASP D 92 -4.55 28.63 -73.82
C ASP D 92 -5.93 29.12 -73.36
N CYS D 93 -6.97 28.34 -73.66
CA CYS D 93 -8.34 28.67 -73.24
C CYS D 93 -8.46 28.66 -71.72
N ASP D 94 -7.92 27.61 -71.11
CA ASP D 94 -7.94 27.46 -69.66
C ASP D 94 -7.05 28.46 -68.92
N ARG D 95 -5.85 28.73 -69.44
CA ARG D 95 -4.90 29.65 -68.82
C ARG D 95 -5.48 31.07 -68.84
N VAL D 96 -6.02 31.46 -69.98
CA VAL D 96 -6.62 32.77 -70.14
C VAL D 96 -7.75 32.94 -69.13
N ALA D 97 -8.60 31.92 -68.99
CA ALA D 97 -9.71 31.95 -68.04
C ALA D 97 -9.20 31.92 -66.60
N ALA D 98 -8.24 31.04 -66.33
CA ALA D 98 -7.65 30.91 -64.99
C ALA D 98 -7.21 32.28 -64.47
N ILE D 99 -6.46 33.01 -65.29
CA ILE D 99 -5.98 34.35 -64.96
C ILE D 99 -7.18 35.29 -64.80
N CYS D 100 -8.04 35.30 -65.81
CA CYS D 100 -9.23 36.14 -65.79
C CYS D 100 -10.03 35.99 -64.49
N PHE D 101 -10.27 34.73 -64.09
CA PHE D 101 -11.00 34.41 -62.86
C PHE D 101 -10.29 35.10 -61.69
N ALA D 102 -8.97 34.99 -61.68
CA ALA D 102 -8.14 35.55 -60.63
C ALA D 102 -8.26 37.07 -60.45
N GLY D 103 -8.55 37.80 -61.52
CA GLY D 103 -8.67 39.26 -61.43
C GLY D 103 -10.06 39.81 -61.25
N ALA D 104 -11.05 38.91 -61.26
CA ALA D 104 -12.45 39.28 -61.11
C ALA D 104 -12.99 39.09 -59.69
N PRO D 105 -13.93 39.95 -59.28
CA PRO D 105 -14.50 39.83 -57.92
C PRO D 105 -15.52 38.68 -57.86
N TYR D 106 -15.51 37.96 -56.75
CA TYR D 106 -16.40 36.83 -56.55
C TYR D 106 -17.59 37.23 -55.70
N ASN D 107 -18.75 37.42 -56.35
CA ASN D 107 -19.96 37.79 -55.64
C ASN D 107 -20.78 36.50 -55.46
N LYS D 108 -20.90 36.03 -54.22
CA LYS D 108 -21.64 34.80 -53.97
C LYS D 108 -23.14 34.91 -54.35
N GLU D 109 -23.67 36.13 -54.37
CA GLU D 109 -25.08 36.34 -54.76
C GLU D 109 -25.30 35.90 -56.20
N ASN D 110 -24.21 35.76 -56.95
CA ASN D 110 -24.27 35.33 -58.34
C ASN D 110 -23.95 33.84 -58.50
N ILE D 111 -23.96 33.10 -57.39
CA ILE D 111 -23.70 31.67 -57.45
C ILE D 111 -25.05 30.98 -57.63
N ASN D 112 -25.07 29.96 -58.47
CA ASN D 112 -26.29 29.18 -58.68
C ASN D 112 -27.51 30.10 -58.85
N ILE D 113 -27.49 30.99 -59.84
CA ILE D 113 -28.64 31.86 -60.04
C ILE D 113 -29.68 31.14 -60.84
N ASP D 114 -30.84 31.78 -60.96
CA ASP D 114 -31.94 31.25 -61.73
C ASP D 114 -31.65 31.58 -63.20
N THR D 115 -30.82 30.74 -63.82
CA THR D 115 -30.43 30.93 -65.23
C THR D 115 -31.60 30.93 -66.20
N THR D 116 -32.60 30.09 -65.97
CA THR D 116 -33.79 29.99 -66.84
C THR D 116 -34.45 31.37 -67.06
N THR D 117 -34.52 32.11 -65.96
CA THR D 117 -35.12 33.43 -65.89
C THR D 117 -34.19 34.64 -66.02
N ARG D 118 -32.95 34.52 -65.56
CA ARG D 118 -32.01 35.64 -65.61
C ARG D 118 -30.99 35.62 -66.77
N CYS D 119 -31.05 34.58 -67.57
CA CYS D 119 -30.13 34.46 -68.70
C CYS D 119 -30.89 34.14 -70.01
N HIS E 1 40.04 31.18 22.37
CA HIS E 1 41.31 30.93 21.64
C HIS E 1 41.44 31.94 20.49
N LEU E 2 42.65 32.37 20.18
CA LEU E 2 42.87 33.34 19.12
C LEU E 2 42.33 32.84 17.77
N VAL E 3 42.43 31.53 17.57
CA VAL E 3 41.93 30.93 16.36
C VAL E 3 40.42 31.15 16.27
N GLN E 4 39.72 30.99 17.39
CA GLN E 4 38.29 31.20 17.41
C GLN E 4 37.96 32.68 17.29
N PHE E 5 38.78 33.55 17.91
CA PHE E 5 38.56 34.99 17.81
C PHE E 5 38.54 35.35 16.33
N ASN E 6 39.36 34.62 15.57
CA ASN E 6 39.44 34.84 14.13
C ASN E 6 38.10 34.50 13.47
N GLY E 7 37.47 33.42 13.93
CA GLY E 7 36.18 33.02 13.38
C GLY E 7 35.06 33.97 13.76
N MET E 8 35.12 34.51 14.98
CA MET E 8 34.10 35.44 15.46
C MET E 8 34.10 36.69 14.60
N ILE E 9 35.30 37.21 14.35
CA ILE E 9 35.47 38.41 13.55
C ILE E 9 35.05 38.17 12.11
N ARG E 10 35.31 36.96 11.59
CA ARG E 10 34.89 36.63 10.23
C ARG E 10 33.36 36.59 10.23
N CYS E 11 32.79 36.30 11.39
CA CYS E 11 31.34 36.23 11.55
C CYS E 11 30.66 37.59 11.38
N THR E 12 31.29 38.64 11.92
CA THR E 12 30.73 39.98 11.81
C THR E 12 31.29 40.74 10.60
N ILE E 13 32.50 40.37 10.19
CA ILE E 13 33.15 41.01 9.06
C ILE E 13 33.56 39.92 8.05
N PRO E 14 32.58 39.34 7.34
CA PRO E 14 32.88 38.28 6.36
C PRO E 14 33.96 38.58 5.30
N GLY E 15 34.11 39.84 4.92
CA GLY E 15 35.11 40.22 3.92
C GLY E 15 36.54 40.39 4.40
N SER E 16 36.82 39.95 5.63
CA SER E 16 38.16 40.10 6.20
C SER E 16 38.93 38.79 6.44
N ILE E 17 40.21 38.97 6.73
CA ILE E 17 41.15 37.91 7.04
C ILE E 17 41.73 38.43 8.34
N PRO E 18 40.96 38.28 9.45
CA PRO E 18 41.29 38.73 10.81
C PRO E 18 42.74 38.65 11.28
N TRP E 19 43.34 37.47 11.24
CA TRP E 19 44.74 37.31 11.69
C TRP E 19 45.75 38.21 10.99
N TRP E 20 45.34 38.78 9.85
CA TRP E 20 46.18 39.68 9.07
C TRP E 20 45.70 41.13 9.16
N ASP E 21 44.42 41.36 8.86
CA ASP E 21 43.85 42.70 8.89
C ASP E 21 43.81 43.40 10.25
N TYR E 22 43.81 42.64 11.34
CA TYR E 22 43.73 43.25 12.66
C TYR E 22 44.88 42.91 13.61
N SER E 23 45.95 42.31 13.08
CA SER E 23 47.10 41.92 13.90
C SER E 23 48.16 43.00 14.04
N ASP E 24 48.12 44.03 13.19
CA ASP E 24 49.08 45.12 13.30
C ASP E 24 48.38 46.40 12.84
N TYR E 25 47.51 46.91 13.71
CA TYR E 25 46.75 48.11 13.42
C TYR E 25 46.71 49.04 14.62
N GLY E 26 47.07 50.30 14.40
CA GLY E 26 47.07 51.28 15.46
C GLY E 26 48.05 50.96 16.58
N CYS E 27 47.73 51.44 17.78
CA CYS E 27 48.57 51.23 18.95
C CYS E 27 48.25 49.97 19.71
N TYR E 28 46.98 49.59 19.66
CA TYR E 28 46.47 48.45 20.38
C TYR E 28 46.16 47.16 19.65
N CYS E 29 45.78 47.22 18.37
CA CYS E 29 45.46 45.99 17.66
C CYS E 29 46.73 45.22 17.33
N GLY E 30 46.99 44.18 18.10
CA GLY E 30 48.18 43.37 17.91
C GLY E 30 48.94 43.14 19.20
N SER E 31 50.18 42.66 19.08
CA SER E 31 51.00 42.38 20.25
C SER E 31 51.16 43.63 21.12
N GLY E 32 50.64 43.55 22.34
CA GLY E 32 50.73 44.68 23.25
C GLY E 32 49.82 45.84 22.89
N GLY E 33 50.09 46.98 23.53
CA GLY E 33 49.30 48.17 23.29
C GLY E 33 49.60 49.24 24.32
N SER E 34 49.67 50.49 23.87
CA SER E 34 49.93 51.61 24.78
C SER E 34 49.59 52.92 24.09
N GLY E 35 49.55 54.00 24.88
CA GLY E 35 49.24 55.31 24.33
C GLY E 35 47.77 55.57 24.06
N THR E 36 47.51 56.62 23.27
CA THR E 36 46.16 56.99 22.92
C THR E 36 45.74 56.37 21.59
N PRO E 37 44.59 55.69 21.57
CA PRO E 37 44.06 55.05 20.38
C PRO E 37 44.11 56.03 19.21
N VAL E 38 44.29 55.52 17.99
CA VAL E 38 44.34 56.41 16.82
C VAL E 38 43.05 56.41 15.99
N ASP E 39 42.04 55.71 16.49
CA ASP E 39 40.70 55.63 15.89
C ASP E 39 39.85 54.61 16.64
N GLU E 40 38.55 54.62 16.40
CA GLU E 40 37.62 53.71 17.06
C GLU E 40 38.02 52.24 16.99
N LEU E 41 38.48 51.75 15.84
CA LEU E 41 38.90 50.36 15.74
C LEU E 41 40.03 50.06 16.71
N ASP E 42 40.93 51.02 16.89
CA ASP E 42 42.06 50.88 17.80
C ASP E 42 41.50 50.88 19.23
N ARG E 43 40.39 51.59 19.41
CA ARG E 43 39.70 51.68 20.70
C ARG E 43 39.14 50.28 21.03
N CYS E 44 38.59 49.62 20.02
CA CYS E 44 38.05 48.26 20.15
C CYS E 44 39.11 47.31 20.72
N CYS E 45 40.30 47.38 20.13
CA CYS E 45 41.40 46.53 20.54
C CYS E 45 41.93 46.92 21.91
N GLN E 46 41.71 48.18 22.30
CA GLN E 46 42.17 48.66 23.61
C GLN E 46 41.34 48.03 24.73
N VAL E 47 40.02 48.07 24.63
CA VAL E 47 39.21 47.47 25.69
C VAL E 47 39.31 45.94 25.60
N HIS E 48 39.60 45.42 24.41
CA HIS E 48 39.74 43.97 24.23
C HIS E 48 41.02 43.53 24.93
N ASP E 49 42.05 44.37 24.84
CA ASP E 49 43.29 44.07 25.51
C ASP E 49 43.00 44.03 27.01
N ASN E 50 42.20 44.98 27.49
CA ASN E 50 41.84 45.05 28.90
C ASN E 50 41.01 43.88 29.34
N CYS E 51 40.16 43.40 28.46
CA CYS E 51 39.32 42.26 28.77
C CYS E 51 40.22 41.04 28.92
N TYR E 52 41.24 40.94 28.07
CA TYR E 52 42.20 39.84 28.14
C TYR E 52 43.05 39.98 29.38
N THR E 53 43.29 41.22 29.78
CA THR E 53 44.07 41.50 30.98
C THR E 53 43.26 41.09 32.22
N GLN E 54 41.94 41.28 32.18
CA GLN E 54 41.06 40.90 33.29
C GLN E 54 40.87 39.39 33.33
N ALA E 55 40.77 38.78 32.14
CA ALA E 55 40.59 37.34 31.97
C ALA E 55 41.77 36.57 32.54
N GLN E 56 42.93 37.22 32.53
CA GLN E 56 44.14 36.61 33.04
C GLN E 56 44.13 36.51 34.57
N GLN E 57 43.22 37.25 35.22
CA GLN E 57 43.17 37.21 36.68
C GLN E 57 42.13 36.21 37.20
N LEU E 58 41.65 35.38 36.29
CA LEU E 58 40.72 34.33 36.66
C LEU E 58 41.72 33.19 36.83
N THR E 59 41.41 32.21 37.68
CA THR E 59 42.33 31.11 37.89
C THR E 59 42.53 30.19 36.67
N GLU E 60 43.79 29.93 36.33
CA GLU E 60 44.16 29.07 35.19
C GLU E 60 43.50 29.52 33.89
N CYS E 61 43.45 30.84 33.69
CA CYS E 61 42.83 31.41 32.50
C CYS E 61 43.80 32.16 31.59
N SER E 62 43.93 31.63 30.38
CA SER E 62 44.77 32.23 29.37
C SER E 62 43.81 32.46 28.22
N PRO E 63 43.45 33.72 27.94
CA PRO E 63 42.53 34.03 26.86
C PRO E 63 43.09 33.65 25.48
N TYR E 64 44.39 33.43 25.43
CA TYR E 64 45.06 33.07 24.17
C TYR E 64 44.86 31.60 23.82
N SER E 65 44.89 30.77 24.86
CA SER E 65 44.76 29.33 24.71
C SER E 65 43.39 28.73 25.04
N LYS E 66 42.72 29.19 26.09
CA LYS E 66 41.42 28.63 26.45
C LYS E 66 40.45 28.57 25.27
N ARG E 67 39.94 27.38 24.99
CA ARG E 67 39.02 27.18 23.89
C ARG E 67 37.62 27.24 24.46
N TYR E 68 36.73 27.98 23.81
CA TYR E 68 35.36 28.13 24.28
C TYR E 68 34.36 27.68 23.22
N SER E 69 33.10 27.57 23.60
CA SER E 69 32.08 27.17 22.66
C SER E 69 31.24 28.37 22.21
N TYR E 70 31.18 28.60 20.90
CA TYR E 70 30.41 29.71 20.38
C TYR E 70 29.78 29.31 19.06
N ASP E 71 28.82 30.11 18.62
CA ASP E 71 28.16 29.84 17.35
C ASP E 71 27.99 31.12 16.56
N CYS E 72 28.04 30.98 15.24
CA CYS E 72 27.84 32.09 14.33
C CYS E 72 26.68 31.72 13.42
N SER E 73 25.58 32.45 13.57
CA SER E 73 24.38 32.22 12.76
C SER E 73 23.93 33.51 12.04
N GLU E 74 24.25 33.61 10.75
CA GLU E 74 23.89 34.77 9.95
C GLU E 74 24.45 36.07 10.50
N GLY E 75 25.76 36.08 10.69
CA GLY E 75 26.46 37.25 11.18
C GLY E 75 26.15 37.72 12.59
N THR E 76 25.71 36.79 13.44
CA THR E 76 25.39 37.11 14.83
C THR E 76 26.12 36.12 15.75
N LEU E 77 26.89 36.64 16.71
CA LEU E 77 27.64 35.79 17.64
C LEU E 77 26.91 35.46 18.94
N THR E 78 27.28 34.32 19.53
CA THR E 78 26.71 33.92 20.80
C THR E 78 27.67 33.02 21.55
N CYS E 79 27.83 33.28 22.84
CA CYS E 79 28.70 32.47 23.65
C CYS E 79 27.76 31.47 24.24
N LYS E 80 27.89 30.24 23.78
CA LYS E 80 27.01 29.15 24.19
C LYS E 80 26.98 28.81 25.68
N ALA E 81 25.94 28.08 26.03
CA ALA E 81 25.63 27.64 27.39
C ALA E 81 26.60 26.72 28.13
N ASP E 82 27.53 26.06 27.43
CA ASP E 82 28.44 25.15 28.11
C ASP E 82 29.83 25.65 28.52
N ASN E 83 30.11 26.93 28.34
CA ASN E 83 31.43 27.44 28.70
C ASN E 83 31.61 27.51 30.20
N ASP E 84 32.85 27.30 30.65
CA ASP E 84 33.15 27.36 32.07
C ASP E 84 33.55 28.78 32.39
N GLU E 85 33.95 29.00 33.63
CA GLU E 85 34.37 30.29 34.13
C GLU E 85 35.29 31.05 33.17
N CYS E 86 36.40 30.43 32.76
CA CYS E 86 37.34 31.09 31.86
C CYS E 86 36.84 31.22 30.43
N ALA E 87 36.40 30.11 29.84
CA ALA E 87 35.88 30.10 28.47
C ALA E 87 34.78 31.13 28.25
N ALA E 88 33.79 31.14 29.13
CA ALA E 88 32.67 32.08 29.05
C ALA E 88 33.13 33.54 29.04
N PHE E 89 34.11 33.87 29.88
CA PHE E 89 34.63 35.24 29.94
C PHE E 89 35.47 35.57 28.70
N VAL E 90 36.32 34.63 28.27
CA VAL E 90 37.19 34.81 27.09
C VAL E 90 36.37 34.90 25.80
N CYS E 91 35.25 34.18 25.78
CA CYS E 91 34.36 34.17 24.65
C CYS E 91 33.69 35.53 24.51
N ASP E 92 33.28 36.12 25.63
CA ASP E 92 32.63 37.43 25.60
C ASP E 92 33.60 38.54 25.21
N CYS E 93 34.87 38.38 25.59
CA CYS E 93 35.89 39.36 25.25
C CYS E 93 36.00 39.45 23.73
N ASP E 94 36.16 38.30 23.09
CA ASP E 94 36.27 38.19 21.65
C ASP E 94 35.02 38.68 20.90
N ARG E 95 33.85 38.30 21.42
CA ARG E 95 32.55 38.65 20.82
C ARG E 95 32.29 40.15 20.78
N VAL E 96 32.54 40.83 21.90
CA VAL E 96 32.36 42.26 22.00
C VAL E 96 33.32 42.96 21.06
N ALA E 97 34.52 42.40 20.91
CA ALA E 97 35.53 42.95 20.01
C ALA E 97 35.17 42.72 18.56
N ALA E 98 34.75 41.49 18.23
CA ALA E 98 34.37 41.15 16.87
C ALA E 98 33.23 42.06 16.39
N ILE E 99 32.31 42.38 17.30
CA ILE E 99 31.17 43.27 17.01
C ILE E 99 31.70 44.69 16.88
N CYS E 100 32.54 45.10 17.83
CA CYS E 100 33.13 46.43 17.82
C CYS E 100 33.93 46.70 16.53
N PHE E 101 34.68 45.71 16.06
CA PHE E 101 35.47 45.84 14.83
C PHE E 101 34.51 46.02 13.66
N ALA E 102 33.37 45.33 13.72
CA ALA E 102 32.39 45.40 12.65
C ALA E 102 31.83 46.80 12.44
N GLY E 103 31.70 47.58 13.51
CA GLY E 103 31.16 48.93 13.41
C GLY E 103 32.15 50.08 13.35
N ALA E 104 33.44 49.77 13.35
CA ALA E 104 34.51 50.77 13.30
C ALA E 104 35.06 50.97 11.89
N PRO E 105 35.23 52.23 11.45
CA PRO E 105 35.77 52.35 10.10
C PRO E 105 37.18 51.76 10.10
N TYR E 106 37.61 51.22 8.95
CA TYR E 106 38.93 50.62 8.84
C TYR E 106 39.79 51.57 8.04
N ASN E 107 40.75 52.20 8.73
CA ASN E 107 41.65 53.14 8.09
C ASN E 107 43.01 52.53 7.74
N LYS E 108 43.29 52.40 6.44
CA LYS E 108 44.53 51.82 5.95
C LYS E 108 45.81 52.54 6.43
N GLU E 109 45.85 53.86 6.37
CA GLU E 109 47.03 54.59 6.82
C GLU E 109 47.38 54.28 8.28
N ASN E 110 46.46 53.64 8.99
CA ASN E 110 46.67 53.27 10.39
C ASN E 110 47.17 51.83 10.53
N ILE E 111 47.40 51.15 9.41
CA ILE E 111 47.91 49.79 9.42
C ILE E 111 49.41 49.85 9.64
N ASN E 112 49.91 48.94 10.47
CA ASN E 112 51.35 48.86 10.71
C ASN E 112 51.98 50.26 10.88
N ILE E 113 51.59 50.99 11.91
CA ILE E 113 52.18 52.31 12.13
C ILE E 113 53.44 52.16 12.95
N ASP E 114 54.10 53.28 13.18
CA ASP E 114 55.31 53.28 13.99
C ASP E 114 54.85 53.41 15.44
N THR E 115 54.75 52.26 16.10
CA THR E 115 54.31 52.19 17.50
C THR E 115 55.36 52.74 18.45
N THR E 116 56.63 52.66 18.07
CA THR E 116 57.72 53.16 18.92
C THR E 116 57.71 54.69 19.08
N THR E 117 56.93 55.38 18.22
CA THR E 117 56.85 56.83 18.25
C THR E 117 55.43 57.37 18.32
N ARG E 118 54.47 56.67 17.70
CA ARG E 118 53.09 57.14 17.68
C ARG E 118 52.24 56.60 18.83
N CYS E 119 52.88 55.87 19.74
CA CYS E 119 52.20 55.28 20.90
C CYS E 119 53.06 55.45 22.16
N HIS F 1 13.73 -36.84 -21.04
CA HIS F 1 14.96 -36.81 -21.90
C HIS F 1 14.84 -35.63 -22.88
N LEU F 2 15.98 -34.98 -23.16
CA LEU F 2 16.03 -33.85 -24.09
C LEU F 2 15.47 -34.22 -25.45
N VAL F 3 15.63 -35.49 -25.83
CA VAL F 3 15.14 -35.97 -27.11
C VAL F 3 13.61 -35.95 -27.11
N GLN F 4 13.03 -36.28 -25.96
CA GLN F 4 11.58 -36.27 -25.80
C GLN F 4 11.05 -34.85 -25.71
N PHE F 5 11.86 -33.96 -25.15
CA PHE F 5 11.50 -32.53 -25.03
C PHE F 5 11.37 -31.97 -26.44
N ASN F 6 12.22 -32.46 -27.34
CA ASN F 6 12.22 -32.05 -28.74
C ASN F 6 10.95 -32.54 -29.41
N GLY F 7 10.42 -33.68 -28.95
CA GLY F 7 9.20 -34.20 -29.52
C GLY F 7 7.96 -33.46 -29.03
N MET F 8 8.06 -32.89 -27.83
CA MET F 8 6.95 -32.14 -27.25
C MET F 8 6.81 -30.84 -28.01
N ILE F 9 7.93 -30.11 -28.15
CA ILE F 9 7.93 -28.86 -28.88
C ILE F 9 7.45 -29.12 -30.29
N ARG F 10 7.82 -30.26 -30.86
CA ARG F 10 7.39 -30.61 -32.20
C ARG F 10 5.89 -30.87 -32.19
N CYS F 11 5.38 -31.29 -31.05
CA CYS F 11 3.96 -31.57 -30.90
C CYS F 11 3.24 -30.21 -30.88
N THR F 12 3.70 -29.31 -30.01
CA THR F 12 3.10 -27.98 -29.87
C THR F 12 3.44 -27.04 -31.04
N ILE F 13 4.58 -27.25 -31.69
CA ILE F 13 5.00 -26.39 -32.78
C ILE F 13 5.43 -27.22 -34.00
N PRO F 14 4.49 -27.48 -34.92
CA PRO F 14 4.68 -28.26 -36.15
C PRO F 14 5.76 -27.76 -37.09
N GLY F 15 5.84 -26.43 -37.29
CA GLY F 15 6.85 -25.87 -38.17
C GLY F 15 8.28 -25.90 -37.64
N SER F 16 8.44 -26.28 -36.38
CA SER F 16 9.75 -26.29 -35.71
C SER F 16 10.72 -27.51 -35.73
N ILE F 17 12.00 -27.15 -35.64
CA ILE F 17 13.15 -28.08 -35.57
C ILE F 17 13.70 -27.65 -34.20
N PRO F 18 13.01 -28.03 -33.14
CA PRO F 18 13.39 -27.71 -31.76
C PRO F 18 14.86 -27.62 -31.35
N TRP F 19 15.59 -28.72 -31.56
CA TRP F 19 16.98 -28.74 -31.13
C TRP F 19 17.85 -27.70 -31.73
N TRP F 20 17.28 -27.00 -32.69
CA TRP F 20 17.98 -25.95 -33.39
C TRP F 20 17.38 -24.57 -33.15
N ASP F 21 16.06 -24.47 -33.26
CA ASP F 21 15.40 -23.19 -33.05
C ASP F 21 15.41 -22.64 -31.62
N TYR F 22 15.23 -23.51 -30.61
CA TYR F 22 15.20 -23.13 -29.20
C TYR F 22 16.47 -23.60 -28.38
N SER F 23 17.62 -23.78 -29.04
CA SER F 23 18.89 -24.23 -28.40
C SER F 23 19.96 -23.15 -28.13
N ASP F 24 19.63 -21.91 -28.49
CA ASP F 24 20.49 -20.72 -28.31
C ASP F 24 19.61 -19.48 -28.54
N TYR F 25 18.66 -19.24 -27.63
CA TYR F 25 17.74 -18.11 -27.70
C TYR F 25 17.73 -17.31 -26.40
N GLY F 26 18.00 -16.02 -26.52
CA GLY F 26 18.04 -15.15 -25.35
C GLY F 26 19.06 -15.57 -24.30
N CYS F 27 18.69 -15.39 -23.03
CA CYS F 27 19.54 -15.72 -21.88
C CYS F 27 19.34 -17.11 -21.25
N TYR F 28 18.15 -17.69 -21.44
CA TYR F 28 17.84 -18.97 -20.84
C TYR F 28 17.53 -20.15 -21.73
N CYS F 29 17.36 -19.91 -23.04
CA CYS F 29 17.10 -21.00 -23.97
C CYS F 29 18.45 -21.51 -24.46
N GLY F 30 18.88 -22.65 -23.94
CA GLY F 30 20.18 -23.20 -24.31
C GLY F 30 20.98 -23.51 -23.06
N SER F 31 22.14 -24.14 -23.23
CA SER F 31 22.96 -24.49 -22.08
C SER F 31 23.15 -23.33 -21.12
N GLY F 32 22.81 -23.61 -19.88
CA GLY F 32 22.90 -22.66 -18.79
C GLY F 32 21.79 -21.64 -18.85
N GLY F 33 22.06 -20.51 -18.20
CA GLY F 33 21.13 -19.39 -18.12
C GLY F 33 21.51 -18.46 -16.99
N SER F 34 21.18 -17.18 -17.16
CA SER F 34 21.44 -16.12 -16.19
C SER F 34 20.93 -14.77 -16.73
N GLY F 35 21.01 -13.75 -15.90
CA GLY F 35 20.54 -12.43 -16.28
C GLY F 35 19.03 -12.32 -16.21
N THR F 36 18.49 -11.59 -17.16
CA THR F 36 17.05 -11.36 -17.24
C THR F 36 16.49 -11.74 -18.60
N PRO F 37 15.42 -12.55 -18.61
CA PRO F 37 14.75 -13.02 -19.83
C PRO F 37 14.47 -11.83 -20.75
N VAL F 38 15.11 -11.80 -21.92
CA VAL F 38 14.93 -10.69 -22.85
C VAL F 38 13.50 -10.50 -23.36
N ASP F 39 12.73 -11.59 -23.44
CA ASP F 39 11.37 -11.51 -23.92
C ASP F 39 10.47 -12.54 -23.26
N GLU F 40 9.43 -12.97 -23.98
CA GLU F 40 8.49 -13.94 -23.45
C GLU F 40 8.99 -15.38 -23.57
N LEU F 41 9.52 -15.75 -24.73
CA LEU F 41 10.05 -17.10 -24.93
C LEU F 41 11.20 -17.36 -23.97
N ASP F 42 12.09 -16.39 -23.85
CA ASP F 42 13.23 -16.50 -22.96
C ASP F 42 12.76 -16.91 -21.57
N ARG F 43 11.72 -16.24 -21.10
CA ARG F 43 11.13 -16.50 -19.79
C ARG F 43 10.64 -17.95 -19.70
N CYS F 44 10.13 -18.49 -20.80
CA CYS F 44 9.66 -19.88 -20.83
C CYS F 44 10.84 -20.77 -20.47
N CYS F 45 12.01 -20.39 -20.98
CA CYS F 45 13.23 -21.14 -20.75
C CYS F 45 13.82 -20.89 -19.37
N GLN F 46 13.47 -19.78 -18.73
CA GLN F 46 13.96 -19.51 -17.38
C GLN F 46 13.20 -20.44 -16.44
N VAL F 47 11.87 -20.46 -16.60
CA VAL F 47 11.01 -21.32 -15.79
C VAL F 47 11.47 -22.76 -16.02
N HIS F 48 11.71 -23.09 -17.28
CA HIS F 48 12.16 -24.41 -17.67
C HIS F 48 13.48 -24.79 -16.98
N ASP F 49 14.46 -23.88 -16.99
CA ASP F 49 15.76 -24.14 -16.36
C ASP F 49 15.63 -24.50 -14.88
N ASN F 50 14.85 -23.72 -14.13
CA ASN F 50 14.64 -23.94 -12.70
C ASN F 50 13.88 -25.24 -12.44
N CYS F 51 12.86 -25.53 -13.25
CA CYS F 51 12.10 -26.78 -13.12
C CYS F 51 13.11 -27.92 -13.19
N TYR F 52 14.07 -27.81 -14.10
CA TYR F 52 15.12 -28.81 -14.28
C TYR F 52 16.02 -28.78 -13.03
N THR F 53 16.21 -27.59 -12.48
CA THR F 53 17.02 -27.43 -11.29
C THR F 53 16.31 -28.01 -10.05
N GLN F 54 14.98 -28.13 -10.10
CA GLN F 54 14.21 -28.68 -8.98
C GLN F 54 14.21 -30.20 -9.01
N ALA F 55 14.41 -30.75 -10.20
CA ALA F 55 14.44 -32.19 -10.39
C ALA F 55 15.82 -32.70 -9.96
N GLN F 56 16.77 -31.77 -9.91
CA GLN F 56 18.15 -32.03 -9.53
C GLN F 56 18.32 -31.95 -8.01
N GLN F 57 17.18 -31.89 -7.34
CA GLN F 57 17.10 -31.85 -5.88
C GLN F 57 16.29 -33.03 -5.40
N LEU F 58 15.66 -33.74 -6.36
CA LEU F 58 14.87 -34.94 -6.11
C LEU F 58 15.91 -36.07 -6.09
N THR F 59 15.58 -37.19 -5.43
CA THR F 59 16.50 -38.33 -5.33
C THR F 59 16.72 -39.02 -6.68
N GLU F 60 17.99 -39.25 -7.03
CA GLU F 60 18.36 -39.89 -8.29
C GLU F 60 17.38 -39.49 -9.38
N CYS F 61 17.69 -38.36 -10.01
CA CYS F 61 16.90 -37.77 -11.07
C CYS F 61 17.80 -36.88 -11.93
N SER F 62 17.59 -36.96 -13.25
CA SER F 62 18.34 -36.13 -14.21
C SER F 62 17.36 -35.62 -15.27
N PRO F 63 16.98 -34.32 -15.21
CA PRO F 63 16.04 -33.84 -16.23
C PRO F 63 16.48 -34.17 -17.66
N TYR F 64 17.79 -34.23 -17.88
CA TYR F 64 18.40 -34.51 -19.19
C TYR F 64 18.28 -35.95 -19.72
N SER F 65 18.63 -36.94 -18.89
CA SER F 65 18.58 -38.34 -19.29
C SER F 65 17.27 -39.09 -18.96
N LYS F 66 16.69 -38.82 -17.80
CA LYS F 66 15.44 -39.48 -17.40
C LYS F 66 14.32 -39.56 -18.45
N ARG F 67 14.10 -40.75 -19.02
CA ARG F 67 13.05 -40.93 -20.02
C ARG F 67 11.70 -41.04 -19.32
N TYR F 68 10.70 -40.39 -19.90
CA TYR F 68 9.35 -40.42 -19.37
C TYR F 68 8.34 -40.86 -20.44
N SER F 69 7.11 -41.08 -20.02
CA SER F 69 6.05 -41.47 -20.94
C SER F 69 5.12 -40.28 -21.11
N TYR F 70 4.80 -39.98 -22.35
CA TYR F 70 3.92 -38.87 -22.64
C TYR F 70 3.30 -39.13 -24.00
N ASP F 71 2.21 -38.42 -24.28
CA ASP F 71 1.53 -38.57 -25.55
C ASP F 71 1.37 -37.25 -26.30
N CYS F 72 1.25 -37.36 -27.61
CA CYS F 72 1.06 -36.22 -28.46
C CYS F 72 -0.12 -36.49 -29.36
N SER F 73 -1.27 -36.02 -28.96
CA SER F 73 -2.39 -36.22 -29.80
C SER F 73 -2.76 -34.91 -30.43
N GLU F 74 -2.30 -34.72 -31.67
CA GLU F 74 -2.58 -33.52 -32.44
C GLU F 74 -2.50 -32.28 -31.59
N GLY F 75 -1.26 -31.90 -31.30
CA GLY F 75 -0.99 -30.71 -30.53
C GLY F 75 -1.20 -30.73 -29.04
N THR F 76 -1.69 -31.83 -28.47
CA THR F 76 -1.91 -31.89 -27.03
C THR F 76 -0.97 -32.86 -26.32
N LEU F 77 -0.35 -32.36 -25.24
CA LEU F 77 0.58 -33.14 -24.44
C LEU F 77 -0.02 -33.77 -23.18
N THR F 78 0.32 -35.03 -22.98
CA THR F 78 -0.13 -35.79 -21.82
C THR F 78 1.03 -36.57 -21.21
N CYS F 79 1.35 -36.28 -19.95
CA CYS F 79 2.38 -37.00 -19.22
C CYS F 79 1.61 -38.19 -18.62
N LYS F 80 1.75 -39.33 -19.30
CA LYS F 80 1.08 -40.57 -18.99
C LYS F 80 1.14 -41.14 -17.63
N ALA F 81 0.42 -42.24 -17.50
CA ALA F 81 0.28 -43.01 -16.27
C ALA F 81 1.26 -44.16 -16.18
N ASP F 82 2.54 -43.83 -16.20
CA ASP F 82 3.62 -44.81 -16.12
C ASP F 82 4.82 -44.19 -15.39
N ASN F 83 4.94 -42.87 -15.54
CA ASN F 83 5.99 -42.07 -14.95
C ASN F 83 6.13 -42.21 -13.45
N ASP F 84 7.38 -42.41 -13.03
CA ASP F 84 7.74 -42.54 -11.63
C ASP F 84 7.83 -41.12 -11.07
N GLU F 85 8.37 -40.99 -9.86
CA GLU F 85 8.47 -39.66 -9.26
C GLU F 85 9.21 -38.67 -10.17
N CYS F 86 10.39 -39.07 -10.64
CA CYS F 86 11.24 -38.23 -11.50
C CYS F 86 10.68 -38.02 -12.91
N ALA F 87 10.45 -39.11 -13.63
CA ALA F 87 9.91 -39.03 -14.99
C ALA F 87 8.66 -38.15 -15.11
N ALA F 88 7.73 -38.31 -14.17
CA ALA F 88 6.50 -37.52 -14.17
C ALA F 88 6.83 -36.05 -14.05
N PHE F 89 7.64 -35.71 -13.06
CA PHE F 89 8.02 -34.32 -12.84
C PHE F 89 8.74 -33.75 -14.06
N VAL F 90 9.79 -34.44 -14.50
CA VAL F 90 10.58 -34.01 -15.66
C VAL F 90 9.72 -33.91 -16.89
N CYS F 91 8.73 -34.79 -17.01
CA CYS F 91 7.82 -34.77 -18.15
C CYS F 91 6.97 -33.50 -18.07
N ASP F 92 6.52 -33.16 -16.86
CA ASP F 92 5.71 -31.96 -16.63
C ASP F 92 6.54 -30.72 -17.04
N CYS F 93 7.81 -30.69 -16.63
CA CYS F 93 8.71 -29.59 -16.94
C CYS F 93 8.77 -29.31 -18.44
N ASP F 94 8.95 -30.36 -19.23
CA ASP F 94 9.02 -30.25 -20.69
C ASP F 94 7.64 -29.96 -21.30
N ARG F 95 6.57 -30.51 -20.71
CA ARG F 95 5.23 -30.28 -21.24
C ARG F 95 4.90 -28.78 -21.14
N VAL F 96 5.14 -28.20 -19.95
CA VAL F 96 4.89 -26.80 -19.69
C VAL F 96 5.75 -25.90 -20.59
N ALA F 97 7.01 -26.27 -20.77
CA ALA F 97 7.93 -25.50 -21.62
C ALA F 97 7.47 -25.56 -23.07
N ALA F 98 7.25 -26.77 -23.58
CA ALA F 98 6.78 -26.95 -24.95
C ALA F 98 5.51 -26.16 -25.27
N ILE F 99 4.55 -26.12 -24.35
CA ILE F 99 3.30 -25.39 -24.55
C ILE F 99 3.46 -23.88 -24.31
N CYS F 100 4.52 -23.55 -23.59
CA CYS F 100 4.85 -22.17 -23.27
C CYS F 100 5.43 -21.56 -24.54
N PHE F 101 6.31 -22.32 -25.20
CA PHE F 101 6.94 -21.88 -26.44
C PHE F 101 5.87 -21.57 -27.48
N ALA F 102 4.92 -22.48 -27.65
CA ALA F 102 3.86 -22.30 -28.63
C ALA F 102 3.06 -21.01 -28.42
N GLY F 103 3.09 -20.46 -27.21
CA GLY F 103 2.35 -19.24 -26.93
C GLY F 103 3.17 -17.96 -26.97
N ALA F 104 4.49 -18.11 -26.86
CA ALA F 104 5.40 -16.98 -26.89
C ALA F 104 5.82 -16.63 -28.32
N PRO F 105 6.08 -15.33 -28.58
CA PRO F 105 6.48 -14.93 -29.92
C PRO F 105 7.97 -15.23 -30.15
N TYR F 106 8.29 -15.68 -31.34
CA TYR F 106 9.66 -15.97 -31.68
C TYR F 106 10.27 -14.68 -32.28
N ASN F 107 11.18 -14.01 -31.55
CA ASN F 107 11.85 -12.82 -32.04
C ASN F 107 13.26 -13.22 -32.50
N LYS F 108 13.39 -13.38 -33.81
CA LYS F 108 14.62 -13.77 -34.51
C LYS F 108 15.85 -12.98 -34.07
N GLU F 109 15.65 -11.74 -33.65
CA GLU F 109 16.76 -10.91 -33.21
C GLU F 109 17.36 -11.41 -31.87
N ASN F 110 16.61 -12.27 -31.18
CA ASN F 110 17.00 -12.83 -29.88
C ASN F 110 17.63 -14.23 -29.97
N ILE F 111 17.99 -14.62 -31.18
CA ILE F 111 18.62 -15.92 -31.41
C ILE F 111 20.14 -15.76 -31.42
N ASN F 112 20.84 -16.67 -30.75
CA ASN F 112 22.31 -16.64 -30.72
C ASN F 112 22.82 -15.27 -30.27
N ILE F 113 22.25 -14.78 -29.18
CA ILE F 113 22.63 -13.51 -28.61
C ILE F 113 23.83 -13.65 -27.70
N ASP F 114 24.63 -12.59 -27.65
CA ASP F 114 25.83 -12.55 -26.85
C ASP F 114 25.54 -12.40 -25.40
N THR F 115 25.25 -13.54 -24.79
CA THR F 115 24.94 -13.62 -23.40
C THR F 115 26.01 -12.96 -22.49
N THR F 116 27.27 -13.34 -22.63
CA THR F 116 28.28 -12.82 -21.72
C THR F 116 28.11 -11.36 -21.23
N THR F 117 27.43 -10.58 -22.05
CA THR F 117 27.18 -9.18 -21.77
C THR F 117 25.70 -8.88 -21.52
N ARG F 118 24.82 -9.52 -22.29
CA ARG F 118 23.38 -9.30 -22.19
C ARG F 118 22.62 -10.03 -21.07
N CYS F 119 23.31 -10.93 -20.38
CA CYS F 119 22.70 -11.67 -19.30
C CYS F 119 23.54 -11.54 -18.05
#